data_2VDU
#
_entry.id   2VDU
#
_cell.length_a   53.376
_cell.length_b   107.676
_cell.length_c   127.749
_cell.angle_alpha   90.00
_cell.angle_beta   91.53
_cell.angle_gamma   90.00
#
_symmetry.space_group_name_H-M   'P 1 21 1'
#
loop_
_entity.id
_entity.type
_entity.pdbx_description
1 polymer 'TRNA (GUANINE-N(7)-)-METHYLTRANSFERASE-ASSOCIATED WD REPEAT PROTEIN TRM82'
2 polymer 'TRNA (GUANINE-N(7)-)-METHYLTRANSFERASE'
3 non-polymer 'PHOSPHATE ION'
4 water water
#
loop_
_entity_poly.entity_id
_entity_poly.type
_entity_poly.pdbx_seq_one_letter_code
_entity_poly.pdbx_strand_id
1 'polypeptide(L)'
;MSVIHPLQNLLTSRDGSLVFAIIKNCILSFKYQSPNHWEFAGKWSDDFDKIQESRNTTAKEQQGQSSENENENKKLKSNK
GDSIKRTAAKVPSPGLGAPPIYSYIRNLRLTSDESRLIACADSDKSLLVFDVDKTSKNVLKLRKRFCFSKRPNAISIAED
DTTVIIADKFGDVYSIDINSIPEEKFTQEPILGHVSMLTDVHLIKDSDGHQFIITSDRDEHIKISHYPQCFIVDKWLFGH
KHFVSSICCGKDYLLLSAGGDDKIFAWDWKTGKNLSTFDYNSLIKPYLNDQHLAPPRFQNENNDIIEFAVSKIIKSKNLP
FVAFFVEATKCIIILEMSEKQKGDLALKQIITFPYNVISLSAHNDEFQVTLDNKESSGVQKNFAKFIEYNLNENSFVVNN
EKSNEFDSAIIQSVQGDSNLVTKKEEIYPLYNVSSLRKHGEHYSHHHHHH
;
B,D
2 'polypeptide(L)'
;VQEGQKIDLPKKRYYRQRAHSNPFSDHQLEYPVSPQDMDWSKLYPYYKNAENGQMTKKVTIADIGCGFGGLMIDLSPAFP
EDLILGMEIRVQVTNYVEDRIIALRNNTASKHGFQNINVLRGNAMKFLPNFFEKGQLSKMFFCFPDPHFKQRKHKARIIT
NTLLSEYAYVLKEGGVVYTITDVKDLHEWMVKHLEEHPLFERLSKEWEENDECVKIMRNATEEGKKVERKKGDKFVACFT
RLPTPAILHHHHHH
;
E,F
#
loop_
_chem_comp.id
_chem_comp.type
_chem_comp.name
_chem_comp.formula
PO4 non-polymer 'PHOSPHATE ION' 'O4 P -3'
#
# COMPACT_ATOMS: atom_id res chain seq x y z
N SER A 2 51.65 31.42 33.49
CA SER A 2 50.28 31.46 33.99
C SER A 2 49.33 32.06 32.96
N VAL A 3 48.51 31.20 32.36
CA VAL A 3 47.48 31.66 31.43
C VAL A 3 46.10 31.21 31.91
N ILE A 4 45.11 32.09 31.75
CA ILE A 4 43.72 31.76 32.05
C ILE A 4 43.14 30.94 30.90
N HIS A 5 42.48 29.84 31.25
CA HIS A 5 41.82 28.98 30.26
C HIS A 5 40.83 29.82 29.44
N PRO A 6 40.94 29.77 28.10
CA PRO A 6 39.97 30.52 27.28
C PRO A 6 38.53 30.09 27.57
N LEU A 7 37.56 30.96 27.28
CA LEU A 7 36.15 30.67 27.49
C LEU A 7 35.62 29.81 26.37
N GLN A 8 34.85 28.78 26.70
CA GLN A 8 34.33 27.89 25.67
C GLN A 8 33.00 28.36 25.08
N ASN A 9 32.19 29.01 25.91
CA ASN A 9 30.88 29.49 25.47
C ASN A 9 30.28 30.52 26.41
N LEU A 10 29.40 31.34 25.87
CA LEU A 10 28.64 32.27 26.67
C LEU A 10 27.17 31.95 26.49
N LEU A 11 26.36 32.32 27.46
CA LEU A 11 24.91 32.18 27.36
C LEU A 11 24.36 33.37 28.11
N THR A 12 23.58 34.18 27.42
CA THR A 12 23.03 35.39 28.02
C THR A 12 21.54 35.20 28.30
N SER A 13 21.12 35.50 29.52
CA SER A 13 19.70 35.46 29.86
C SER A 13 18.93 36.41 28.97
N ARG A 14 17.62 36.23 28.90
CA ARG A 14 16.77 37.02 28.01
C ARG A 14 16.86 38.54 28.18
N ASP A 15 16.95 39.03 29.42
CA ASP A 15 17.02 40.49 29.60
C ASP A 15 18.42 41.05 29.38
N GLY A 16 19.42 40.18 29.55
CA GLY A 16 20.80 40.53 29.29
C GLY A 16 21.62 40.71 30.55
N SER A 17 20.96 40.59 31.70
CA SER A 17 21.59 40.89 32.99
C SER A 17 22.32 39.70 33.56
N LEU A 18 22.09 38.53 32.96
CA LEU A 18 22.80 37.34 33.40
C LEU A 18 23.61 36.78 32.24
N VAL A 19 24.89 36.53 32.49
CA VAL A 19 25.74 35.90 31.49
C VAL A 19 26.44 34.70 32.12
N PHE A 20 26.44 33.58 31.39
CA PHE A 20 27.12 32.37 31.85
C PHE A 20 28.26 32.02 30.91
N ALA A 21 29.33 31.48 31.47
CA ALA A 21 30.51 31.17 30.68
C ALA A 21 31.06 29.82 31.04
N ILE A 22 31.49 29.08 30.03
CA ILE A 22 32.16 27.82 30.27
C ILE A 22 33.65 28.05 30.18
N ILE A 23 34.38 27.60 31.20
CA ILE A 23 35.83 27.55 31.14
C ILE A 23 36.23 26.19 31.65
N LYS A 24 36.88 25.40 30.79
CA LYS A 24 37.30 24.08 31.22
C LYS A 24 36.09 23.38 31.82
N ASN A 25 36.24 22.81 33.00
CA ASN A 25 35.14 22.11 33.64
C ASN A 25 34.32 22.97 34.56
N CYS A 26 34.22 24.27 34.26
CA CYS A 26 33.53 25.19 35.16
C CYS A 26 32.57 26.10 34.45
N ILE A 27 31.57 26.56 35.18
CA ILE A 27 30.65 27.59 34.72
C ILE A 27 30.79 28.81 35.64
N LEU A 28 31.03 29.98 35.06
CA LEU A 28 31.04 31.23 35.81
C LEU A 28 29.80 32.00 35.46
N SER A 29 29.17 32.60 36.45
CA SER A 29 28.04 33.49 36.19
C SER A 29 28.46 34.91 36.52
N PHE A 30 27.96 35.86 35.73
CA PHE A 30 28.26 37.26 35.91
C PHE A 30 26.94 37.98 35.76
N LYS A 31 26.75 39.03 36.56
CA LYS A 31 25.57 39.88 36.42
C LYS A 31 25.99 41.12 35.65
N TYR A 32 25.07 41.70 34.88
CA TYR A 32 25.43 42.82 34.03
C TYR A 32 24.42 43.96 34.12
N GLN A 33 24.95 45.18 34.23
CA GLN A 33 24.14 46.39 34.10
C GLN A 33 24.95 47.38 33.28
N SER A 34 24.32 47.99 32.29
CA SER A 34 25.04 48.98 31.48
C SER A 34 25.12 50.31 32.23
N PRO A 35 26.01 51.19 31.76
CA PRO A 35 26.91 50.78 30.68
C PRO A 35 28.17 50.08 31.19
N ASN A 36 28.22 48.77 31.02
CA ASN A 36 29.47 48.02 31.15
C ASN A 36 29.88 47.60 32.57
N HIS A 37 28.90 47.38 33.44
CA HIS A 37 29.19 46.93 34.80
C HIS A 37 29.04 45.42 34.93
N TRP A 38 30.13 44.75 35.26
CA TRP A 38 30.15 43.30 35.37
C TRP A 38 30.43 42.88 36.81
N GLU A 39 29.51 42.12 37.39
CA GLU A 39 29.67 41.60 38.75
C GLU A 39 29.75 40.07 38.77
N PHE A 40 30.82 39.53 39.35
CA PHE A 40 30.96 38.09 39.46
C PHE A 40 29.82 37.53 40.30
N ALA A 41 29.24 36.43 39.85
CA ALA A 41 28.07 35.87 40.51
C ALA A 41 28.17 34.37 40.73
N GLY A 42 29.38 33.86 40.82
CA GLY A 42 29.55 32.48 41.25
C GLY A 42 30.37 31.62 40.32
N LYS A 43 30.98 30.60 40.88
CA LYS A 43 31.70 29.62 40.09
C LYS A 43 31.30 28.21 40.49
N TRP A 44 30.81 27.45 39.52
CA TRP A 44 30.60 26.02 39.71
C TRP A 44 31.63 25.22 38.93
N SER A 45 32.21 24.23 39.59
CA SER A 45 33.22 23.38 38.96
C SER A 45 32.75 21.95 38.96
N ASP A 46 33.11 21.20 37.93
CA ASP A 46 32.70 19.82 37.82
C ASP A 46 33.61 18.95 38.67
N ASP A 47 33.04 18.40 39.73
CA ASP A 47 33.80 17.60 40.69
C ASP A 47 33.48 16.11 40.59
N PHE A 48 33.89 15.50 39.47
CA PHE A 48 33.75 14.05 39.31
C PHE A 48 35.13 13.40 39.39
N PRO A 100 43.15 11.46 25.85
CA PRO A 100 43.41 11.43 27.28
C PRO A 100 42.05 11.65 27.94
N ILE A 101 41.93 12.44 29.01
CA ILE A 101 40.59 12.69 29.53
C ILE A 101 40.33 14.14 29.89
N TYR A 102 39.42 14.75 29.14
CA TYR A 102 39.04 16.14 29.34
C TYR A 102 37.61 16.25 29.81
N SER A 103 37.43 16.76 31.02
CA SER A 103 36.10 16.89 31.60
C SER A 103 35.32 18.06 30.98
N TYR A 104 34.95 17.93 29.72
CA TYR A 104 34.23 19.01 29.04
C TYR A 104 32.89 19.33 29.69
N ILE A 105 32.49 20.59 29.59
CA ILE A 105 31.15 21.01 29.91
C ILE A 105 30.65 21.64 28.62
N ARG A 106 29.38 21.39 28.26
CA ARG A 106 28.85 21.86 26.98
C ARG A 106 27.37 22.11 27.02
N ASN A 107 26.90 22.90 26.05
CA ASN A 107 25.47 23.05 25.79
C ASN A 107 24.69 23.73 26.88
N LEU A 108 25.19 24.86 27.36
CA LEU A 108 24.44 25.62 28.35
C LEU A 108 23.10 25.97 27.76
N ARG A 109 22.06 25.80 28.56
CA ARG A 109 20.73 26.11 28.09
C ARG A 109 19.91 26.53 29.30
N LEU A 110 19.14 27.59 29.12
CA LEU A 110 18.20 28.01 30.17
C LEU A 110 16.79 27.54 29.83
N THR A 111 16.06 27.05 30.83
CA THR A 111 14.64 26.78 30.65
C THR A 111 13.94 28.08 30.26
N SER A 112 12.66 28.02 29.94
CA SER A 112 11.98 29.21 29.44
C SER A 112 11.78 30.22 30.57
N ASP A 113 11.56 29.73 31.78
CA ASP A 113 11.29 30.60 32.92
C ASP A 113 12.60 30.98 33.58
N GLU A 114 13.69 30.50 33.00
CA GLU A 114 15.02 30.77 33.50
C GLU A 114 15.21 30.39 34.96
N SER A 115 14.31 29.57 35.47
CA SER A 115 14.45 29.05 36.83
C SER A 115 15.64 28.09 36.90
N ARG A 116 15.83 27.34 35.83
CA ARG A 116 16.90 26.34 35.80
C ARG A 116 17.79 26.50 34.60
N LEU A 117 18.98 25.96 34.71
CA LEU A 117 19.97 25.96 33.64
C LEU A 117 20.41 24.53 33.45
N ILE A 118 20.50 24.08 32.20
CA ILE A 118 20.97 22.73 31.95
C ILE A 118 22.24 22.73 31.11
N ALA A 119 22.98 21.63 31.20
CA ALA A 119 24.25 21.52 30.51
C ALA A 119 24.66 20.07 30.51
N CYS A 120 25.71 19.76 29.78
CA CYS A 120 26.18 18.39 29.70
C CYS A 120 27.55 18.30 30.28
N ALA A 121 27.77 17.26 31.09
CA ALA A 121 29.08 16.97 31.64
C ALA A 121 29.67 15.70 31.00
N ASP A 122 30.81 15.82 30.34
CA ASP A 122 31.44 14.66 29.69
C ASP A 122 31.99 13.65 30.69
N SER A 123 32.49 14.15 31.81
CA SER A 123 33.09 13.31 32.84
C SER A 123 32.13 12.22 33.24
N ASP A 124 30.85 12.51 33.05
CA ASP A 124 29.79 11.82 33.73
C ASP A 124 28.73 11.30 32.76
N LYS A 125 28.89 11.65 31.48
CA LYS A 125 27.85 11.41 30.49
C LYS A 125 26.52 11.82 31.09
N SER A 126 26.46 13.00 31.68
CA SER A 126 25.28 13.43 32.42
C SER A 126 24.60 14.67 31.86
N LEU A 127 23.34 14.83 32.24
CA LEU A 127 22.60 16.06 32.00
C LEU A 127 22.54 16.76 33.36
N LEU A 128 23.30 17.84 33.49
CA LEU A 128 23.28 18.63 34.71
C LEU A 128 22.08 19.52 34.70
N VAL A 129 21.41 19.58 35.85
CA VAL A 129 20.36 20.57 36.04
C VAL A 129 20.77 21.44 37.23
N PHE A 130 20.76 22.75 37.01
CA PHE A 130 21.09 23.71 38.06
C PHE A 130 19.87 24.51 38.43
N ASP A 131 19.78 24.92 39.69
CA ASP A 131 18.82 25.95 40.09
C ASP A 131 19.47 27.31 39.94
N VAL A 132 18.73 28.29 39.44
CA VAL A 132 19.29 29.62 39.14
C VAL A 132 18.76 30.73 40.05
N ASP A 133 19.60 31.18 40.98
CA ASP A 133 19.22 32.28 41.88
C ASP A 133 19.67 33.62 41.29
N LYS A 134 18.71 34.36 40.75
CA LYS A 134 18.96 35.64 40.12
C LYS A 134 19.44 36.68 41.15
N THR A 135 19.32 36.35 42.43
CA THR A 135 19.64 37.30 43.49
C THR A 135 20.89 36.90 44.26
N SER A 136 21.08 35.60 44.45
CA SER A 136 22.20 35.09 45.22
C SER A 136 23.56 35.56 44.73
N LYS A 137 24.54 35.56 45.62
CA LYS A 137 25.93 35.85 45.28
C LYS A 137 26.46 34.74 44.38
N ASN A 138 26.20 33.50 44.77
CA ASN A 138 26.45 32.36 43.89
C ASN A 138 25.13 31.96 43.22
N VAL A 139 25.06 32.15 41.90
CA VAL A 139 23.80 32.02 41.17
C VAL A 139 23.38 30.58 40.86
N LEU A 140 24.37 29.70 40.70
CA LEU A 140 24.09 28.31 40.30
C LEU A 140 24.18 27.29 41.44
N LYS A 141 23.13 26.49 41.58
CA LYS A 141 23.14 25.34 42.48
C LYS A 141 22.84 24.05 41.72
N LEU A 142 23.87 23.23 41.52
CA LEU A 142 23.70 21.92 40.91
C LEU A 142 22.73 21.09 41.75
N ARG A 143 21.59 20.71 41.16
CA ARG A 143 20.63 19.92 41.93
C ARG A 143 20.36 18.52 41.37
N LYS A 144 20.71 18.28 40.11
CA LYS A 144 20.52 16.95 39.53
C LYS A 144 21.60 16.55 38.53
N ARG A 145 21.81 15.25 38.43
CA ARG A 145 22.69 14.69 37.41
C ARG A 145 22.10 13.44 36.79
N PHE A 146 21.55 13.58 35.58
CA PHE A 146 20.97 12.45 34.85
C PHE A 146 22.04 11.79 34.01
N CYS A 147 22.44 10.58 34.38
CA CYS A 147 23.52 9.90 33.65
C CYS A 147 23.05 9.02 32.49
N PHE A 148 23.93 8.85 31.50
CA PHE A 148 23.64 8.12 30.27
C PHE A 148 24.80 7.17 29.95
N SER A 149 24.56 6.25 29.01
CA SER A 149 25.58 5.28 28.66
C SER A 149 26.63 5.87 27.73
N LYS A 150 26.16 6.66 26.78
CA LYS A 150 27.04 7.39 25.87
C LYS A 150 26.91 8.86 26.23
N ARG A 151 27.93 9.66 25.94
CA ARG A 151 27.89 11.06 26.35
C ARG A 151 26.98 11.89 25.45
N PRO A 152 26.14 12.73 26.05
CA PRO A 152 25.31 13.69 25.31
C PRO A 152 26.18 14.54 24.41
N ASN A 153 25.64 14.92 23.25
CA ASN A 153 26.38 15.78 22.35
C ASN A 153 25.62 17.07 22.03
N ALA A 154 24.31 16.96 21.92
CA ALA A 154 23.49 18.13 21.68
C ALA A 154 22.21 17.94 22.47
N ILE A 155 21.57 19.04 22.82
CA ILE A 155 20.30 18.98 23.54
C ILE A 155 19.34 20.07 23.08
N SER A 156 18.07 19.85 23.37
CA SER A 156 17.03 20.82 23.07
C SER A 156 15.93 20.61 24.08
N ILE A 157 15.32 21.69 24.56
CA ILE A 157 14.23 21.51 25.49
C ILE A 157 12.95 21.46 24.70
N ALA A 158 12.02 20.61 25.14
CA ALA A 158 10.74 20.47 24.46
C ALA A 158 9.82 21.65 24.74
N GLU A 159 8.73 21.72 23.99
CA GLU A 159 7.76 22.79 24.12
C GLU A 159 7.22 22.89 25.55
N ASP A 160 7.02 21.72 26.17
CA ASP A 160 6.54 21.63 27.55
C ASP A 160 7.46 22.32 28.58
N ASP A 161 8.69 22.62 28.17
CA ASP A 161 9.67 23.26 29.04
C ASP A 161 10.12 22.36 30.21
N THR A 162 9.85 21.06 30.11
CA THR A 162 10.26 20.13 31.17
C THR A 162 10.97 18.89 30.63
N THR A 163 10.75 18.63 29.35
CA THR A 163 11.35 17.49 28.68
C THR A 163 12.56 17.95 27.88
N VAL A 164 13.67 17.27 28.11
CA VAL A 164 14.90 17.58 27.42
C VAL A 164 15.22 16.49 26.41
N ILE A 165 15.51 16.90 25.18
CA ILE A 165 15.95 15.96 24.17
C ILE A 165 17.48 15.89 24.15
N ILE A 166 18.00 14.72 24.48
CA ILE A 166 19.43 14.48 24.46
C ILE A 166 19.81 13.66 23.22
N ALA A 167 20.70 14.18 22.39
CA ALA A 167 21.25 13.42 21.28
C ALA A 167 22.67 13.01 21.62
N ASP A 168 22.96 11.70 21.58
CA ASP A 168 24.28 11.24 22.03
C ASP A 168 25.29 11.00 20.92
N LYS A 169 26.53 10.76 21.33
CA LYS A 169 27.68 10.52 20.44
C LYS A 169 27.46 9.35 19.46
N PHE A 170 26.65 8.36 19.86
CA PHE A 170 26.49 7.15 19.06
C PHE A 170 25.29 7.14 18.12
N GLY A 171 24.47 8.17 18.18
CA GLY A 171 23.37 8.30 17.24
C GLY A 171 21.98 8.10 17.82
N ASP A 172 21.90 7.83 19.12
CA ASP A 172 20.60 7.67 19.77
C ASP A 172 20.11 9.00 20.35
N VAL A 173 18.80 9.13 20.44
CA VAL A 173 18.18 10.31 21.01
C VAL A 173 17.28 9.89 22.17
N TYR A 174 17.47 10.50 23.33
CA TYR A 174 16.62 10.19 24.48
C TYR A 174 15.83 11.40 24.89
N SER A 175 14.77 11.17 25.65
CA SER A 175 14.09 12.27 26.30
C SER A 175 14.17 12.05 27.80
N ILE A 176 14.18 13.14 28.55
CA ILE A 176 14.36 13.11 29.99
C ILE A 176 13.41 14.13 30.56
N ASP A 177 12.69 13.75 31.61
CA ASP A 177 11.89 14.73 32.32
C ASP A 177 12.76 15.26 33.45
N ILE A 178 13.09 16.54 33.39
CA ILE A 178 14.03 17.08 34.36
C ILE A 178 13.45 17.15 35.77
N ASN A 179 12.12 17.12 35.88
CA ASN A 179 11.48 17.01 37.18
C ASN A 179 11.69 15.67 37.87
N SER A 180 11.89 14.62 37.07
CA SER A 180 11.98 13.27 37.61
C SER A 180 13.27 13.05 38.39
N ILE A 181 13.29 11.99 39.18
CA ILE A 181 14.46 11.66 39.99
C ILE A 181 15.45 10.86 39.15
N PRO A 182 16.70 11.34 39.09
CA PRO A 182 17.78 10.65 38.37
C PRO A 182 17.89 9.17 38.75
N GLU A 183 17.63 8.29 37.79
CA GLU A 183 17.77 6.85 38.02
C GLU A 183 19.23 6.47 38.08
N GLU A 184 19.64 5.85 39.18
CA GLU A 184 21.04 5.46 39.39
C GLU A 184 21.62 4.73 38.19
N LYS A 185 20.90 3.73 37.70
CA LYS A 185 21.27 3.05 36.46
C LYS A 185 20.25 3.45 35.39
N PHE A 186 20.73 3.90 34.24
CA PHE A 186 19.83 4.43 33.20
C PHE A 186 19.06 3.35 32.47
N THR A 187 17.75 3.49 32.46
CA THR A 187 16.86 2.47 31.91
C THR A 187 15.72 3.04 31.09
N GLN A 188 16.03 3.45 29.86
CA GLN A 188 15.01 3.76 28.87
C GLN A 188 15.58 3.75 27.46
N GLU A 189 14.79 3.26 26.51
CA GLU A 189 15.23 3.10 25.13
C GLU A 189 15.21 4.44 24.37
N PRO A 190 16.08 4.57 23.36
CA PRO A 190 16.08 5.76 22.51
C PRO A 190 14.70 6.04 21.93
N ILE A 191 14.43 7.31 21.66
CA ILE A 191 13.16 7.76 21.15
C ILE A 191 13.25 7.67 19.62
N LEU A 192 14.46 7.91 19.11
CA LEU A 192 14.82 7.58 17.73
C LEU A 192 16.35 7.48 17.63
N GLY A 193 16.88 7.22 16.44
CA GLY A 193 18.32 7.02 16.30
C GLY A 193 18.80 7.03 14.85
N HIS A 194 20.09 7.35 14.70
CA HIS A 194 20.82 7.21 13.44
C HIS A 194 21.93 6.20 13.73
N VAL A 195 22.56 5.67 12.68
CA VAL A 195 23.71 4.80 12.89
C VAL A 195 25.00 5.59 12.71
N SER A 196 24.86 6.86 12.35
CA SER A 196 26.02 7.74 12.32
C SER A 196 26.07 8.63 13.57
N MET A 197 27.14 9.41 13.72
CA MET A 197 27.25 10.29 14.88
C MET A 197 26.33 11.50 14.75
N LEU A 198 25.58 11.75 15.82
CA LEU A 198 24.64 12.85 15.86
C LEU A 198 25.31 14.19 16.17
N THR A 199 24.88 15.21 15.41
CA THR A 199 25.57 16.48 15.34
C THR A 199 24.77 17.65 15.97
N ASP A 200 23.45 17.55 15.96
CA ASP A 200 22.61 18.65 16.43
C ASP A 200 21.16 18.18 16.57
N VAL A 201 20.44 18.72 17.55
CA VAL A 201 19.01 18.48 17.69
C VAL A 201 18.23 19.76 17.85
N HIS A 202 17.08 19.84 17.23
CA HIS A 202 16.18 20.95 17.46
C HIS A 202 14.75 20.46 17.51
N LEU A 203 14.07 20.78 18.59
CA LEU A 203 12.64 20.62 18.64
C LEU A 203 12.05 21.79 17.90
N ILE A 204 10.93 21.57 17.24
CA ILE A 204 10.46 22.56 16.31
C ILE A 204 8.97 22.29 16.13
N LYS A 205 8.24 23.25 15.55
CA LYS A 205 6.80 23.21 15.61
C LYS A 205 6.29 23.81 14.33
N ASP A 206 5.31 23.17 13.68
CA ASP A 206 4.64 23.81 12.54
C ASP A 206 3.48 24.69 13.02
N SER A 207 2.81 25.37 12.10
CA SER A 207 1.73 26.29 12.46
C SER A 207 0.62 25.65 13.32
N ASP A 208 0.34 24.38 13.07
CA ASP A 208 -0.74 23.67 13.75
C ASP A 208 -0.37 23.16 15.14
N GLY A 209 0.82 23.52 15.60
CA GLY A 209 1.28 23.09 16.91
C GLY A 209 1.85 21.68 16.91
N HIS A 210 1.98 21.08 15.73
CA HIS A 210 2.64 19.78 15.59
C HIS A 210 4.14 19.85 15.81
N GLN A 211 4.67 18.96 16.62
CA GLN A 211 6.09 18.99 16.94
C GLN A 211 6.90 18.06 16.08
N PHE A 212 8.08 18.54 15.71
CA PHE A 212 9.07 17.78 14.99
C PHE A 212 10.43 17.91 15.66
N ILE A 213 11.20 16.83 15.64
CA ILE A 213 12.58 16.90 16.04
C ILE A 213 13.47 16.76 14.81
N ILE A 214 14.37 17.73 14.64
CA ILE A 214 15.32 17.71 13.55
C ILE A 214 16.68 17.29 14.09
N THR A 215 17.24 16.24 13.51
CA THR A 215 18.56 15.75 13.87
C THR A 215 19.47 15.69 12.65
N SER A 216 20.72 16.09 12.84
CA SER A 216 21.70 16.10 11.77
C SER A 216 22.82 15.17 12.18
N ASP A 217 23.62 14.70 11.22
CA ASP A 217 24.65 13.73 11.60
C ASP A 217 25.95 13.87 10.84
N ARG A 218 26.93 13.06 11.22
CA ARG A 218 28.24 13.09 10.59
C ARG A 218 28.24 12.56 9.14
N ASP A 219 27.16 11.87 8.75
CA ASP A 219 27.06 11.33 7.39
C ASP A 219 26.15 12.14 6.48
N GLU A 220 26.12 13.46 6.70
CA GLU A 220 25.47 14.42 5.83
C GLU A 220 23.94 14.46 5.91
N HIS A 221 23.36 13.73 6.85
CA HIS A 221 21.90 13.67 6.93
C HIS A 221 21.27 14.75 7.78
N ILE A 222 20.10 15.20 7.36
CA ILE A 222 19.25 16.02 8.18
C ILE A 222 17.90 15.32 8.16
N LYS A 223 17.54 14.75 9.29
CA LYS A 223 16.32 13.96 9.42
C LYS A 223 15.27 14.78 10.14
N ILE A 224 14.04 14.77 9.63
CA ILE A 224 12.93 15.38 10.33
C ILE A 224 11.93 14.31 10.77
N SER A 225 11.74 14.19 12.08
CA SER A 225 10.81 13.20 12.65
C SER A 225 9.67 13.84 13.41
N HIS A 226 8.52 13.18 13.43
CA HIS A 226 7.41 13.58 14.29
C HIS A 226 7.81 13.40 15.74
N TYR A 227 7.28 14.29 16.57
CA TYR A 227 7.44 14.20 18.00
C TYR A 227 6.06 14.48 18.60
N PRO A 228 5.62 13.65 19.58
CA PRO A 228 6.34 12.53 20.20
C PRO A 228 6.31 11.23 19.39
N GLN A 229 5.54 11.19 18.30
CA GLN A 229 5.52 9.99 17.44
C GLN A 229 6.83 9.82 16.67
N CYS A 230 7.91 9.54 17.40
CA CYS A 230 9.25 9.46 16.83
C CYS A 230 9.48 8.23 15.96
N PHE A 231 8.55 7.28 15.97
CA PHE A 231 8.64 6.13 15.07
C PHE A 231 8.30 6.54 13.64
N ILE A 232 7.97 7.81 13.43
CA ILE A 232 7.58 8.25 12.09
C ILE A 232 8.50 9.32 11.56
N VAL A 233 9.34 8.93 10.61
CA VAL A 233 10.22 9.87 9.95
C VAL A 233 9.43 10.68 8.97
N ASP A 234 9.46 12.00 9.12
CA ASP A 234 8.71 12.83 8.19
C ASP A 234 9.44 12.93 6.85
N LYS A 235 10.67 13.43 6.87
CA LYS A 235 11.49 13.44 5.67
C LYS A 235 12.97 13.67 5.99
N TRP A 236 13.80 13.73 4.95
CA TRP A 236 15.21 14.10 5.08
C TRP A 236 15.45 15.27 4.16
N LEU A 237 16.43 16.12 4.48
CA LEU A 237 16.78 17.21 3.60
C LEU A 237 18.05 16.78 2.91
N PHE A 238 18.03 16.72 1.59
CA PHE A 238 19.17 16.18 0.83
C PHE A 238 19.87 17.28 0.09
N GLY A 239 21.21 17.24 0.14
CA GLY A 239 22.00 18.28 -0.49
C GLY A 239 23.44 18.35 0.01
N HIS A 240 23.65 18.11 1.31
CA HIS A 240 24.99 18.20 1.88
C HIS A 240 25.85 17.09 1.33
N LYS A 241 27.05 17.45 0.89
CA LYS A 241 28.05 16.47 0.44
C LYS A 241 28.99 16.08 1.57
N HIS A 242 28.95 16.82 2.66
CA HIS A 242 29.87 16.61 3.76
C HIS A 242 29.14 16.67 5.09
N PHE A 243 29.81 16.28 6.17
CA PHE A 243 29.14 16.26 7.46
C PHE A 243 28.46 17.61 7.72
N VAL A 244 27.35 17.57 8.46
CA VAL A 244 26.61 18.76 8.82
C VAL A 244 26.90 18.98 10.30
N SER A 245 27.31 20.19 10.66
CA SER A 245 27.70 20.46 12.05
C SER A 245 26.68 21.31 12.77
N SER A 246 25.91 22.10 12.03
CA SER A 246 25.07 23.08 12.69
C SER A 246 23.83 23.41 11.91
N ILE A 247 22.72 23.53 12.62
CA ILE A 247 21.46 23.94 12.01
C ILE A 247 20.88 25.06 12.85
N CYS A 248 20.22 26.02 12.22
CA CYS A 248 19.42 26.94 12.99
C CYS A 248 18.10 27.17 12.28
N CYS A 249 17.03 27.30 13.05
CA CYS A 249 15.67 27.40 12.50
C CYS A 249 15.17 28.84 12.44
N GLY A 250 14.61 29.22 11.29
CA GLY A 250 14.13 30.57 11.08
C GLY A 250 12.62 30.70 10.98
N LYS A 251 12.17 31.80 10.38
CA LYS A 251 10.75 32.07 10.27
C LYS A 251 10.14 31.41 9.04
N ASP A 252 8.87 31.06 9.16
CA ASP A 252 8.11 30.43 8.08
C ASP A 252 8.86 29.25 7.47
N TYR A 253 9.16 28.27 8.31
CA TYR A 253 9.76 27.02 7.86
C TYR A 253 11.11 27.17 7.19
N LEU A 254 11.76 28.31 7.40
CA LEU A 254 13.12 28.45 6.90
C LEU A 254 14.09 27.73 7.81
N LEU A 255 15.00 26.99 7.21
CA LEU A 255 16.02 26.32 7.99
C LEU A 255 17.36 26.63 7.34
N LEU A 256 18.39 26.75 8.15
CA LEU A 256 19.74 27.00 7.66
C LEU A 256 20.66 25.94 8.21
N SER A 257 21.50 25.35 7.34
CA SER A 257 22.40 24.29 7.79
C SER A 257 23.78 24.45 7.18
N ALA A 258 24.79 23.99 7.92
CA ALA A 258 26.18 24.11 7.50
C ALA A 258 27.08 23.04 8.12
N GLY A 259 28.35 23.03 7.69
CA GLY A 259 29.33 22.10 8.22
C GLY A 259 30.50 21.98 7.26
N GLY A 260 30.87 20.74 6.91
CA GLY A 260 32.01 20.49 6.04
C GLY A 260 31.87 21.03 4.63
N ASP A 261 30.64 21.33 4.22
CA ASP A 261 30.42 21.82 2.87
C ASP A 261 30.99 23.22 2.63
N ASP A 262 31.00 23.61 1.37
CA ASP A 262 31.58 24.86 0.88
C ASP A 262 30.51 25.94 0.94
N LYS A 263 29.30 25.55 1.30
CA LYS A 263 28.14 26.44 1.19
C LYS A 263 27.28 26.36 2.41
N ILE A 264 26.50 27.41 2.64
CA ILE A 264 25.47 27.37 3.65
C ILE A 264 24.24 26.93 2.89
N PHE A 265 23.46 26.06 3.50
CA PHE A 265 22.25 25.57 2.84
C PHE A 265 20.99 26.22 3.42
N ALA A 266 20.07 26.59 2.53
CA ALA A 266 18.76 27.10 2.96
C ALA A 266 17.63 26.19 2.50
N TRP A 267 16.71 25.88 3.41
CA TRP A 267 15.62 24.98 3.12
C TRP A 267 14.30 25.54 3.59
N ASP A 268 13.22 25.08 2.96
CA ASP A 268 11.91 25.15 3.56
C ASP A 268 11.72 23.76 4.12
N TRP A 269 11.61 23.62 5.44
CA TRP A 269 11.60 22.26 5.99
C TRP A 269 10.24 21.55 5.93
N LYS A 270 9.17 22.32 5.76
CA LYS A 270 7.85 21.72 5.51
C LYS A 270 7.87 21.14 4.11
N THR A 271 8.29 21.97 3.16
CA THR A 271 8.42 21.57 1.77
C THR A 271 9.50 20.52 1.59
N GLY A 272 10.58 20.64 2.33
CA GLY A 272 11.72 19.78 2.13
C GLY A 272 12.60 20.28 1.00
N LYS A 273 12.20 21.38 0.37
CA LYS A 273 12.95 21.91 -0.76
C LYS A 273 14.15 22.74 -0.32
N ASN A 274 15.27 22.54 -1.01
CA ASN A 274 16.46 23.36 -0.83
C ASN A 274 16.31 24.70 -1.57
N LEU A 275 15.97 25.75 -0.84
CA LEU A 275 15.69 27.05 -1.43
C LEU A 275 16.89 27.63 -2.19
N SER A 276 18.09 27.45 -1.65
CA SER A 276 19.29 28.01 -2.26
C SER A 276 20.49 27.67 -1.42
N THR A 277 21.67 28.00 -1.92
CA THR A 277 22.91 27.78 -1.18
C THR A 277 23.80 29.00 -1.35
N PHE A 278 24.58 29.30 -0.31
CA PHE A 278 25.50 30.43 -0.31
C PHE A 278 26.94 29.94 -0.22
N ASP A 279 27.73 30.25 -1.24
CA ASP A 279 29.10 29.78 -1.28
C ASP A 279 29.98 30.80 -0.57
N TYR A 280 30.72 30.33 0.43
CA TYR A 280 31.53 31.24 1.23
C TYR A 280 33.01 30.93 1.03
N ASN A 281 33.33 30.15 0.02
CA ASN A 281 34.72 29.76 -0.20
C ASN A 281 35.63 30.95 -0.51
N SER A 282 35.15 31.86 -1.35
CA SER A 282 35.94 33.04 -1.73
C SER A 282 35.92 34.12 -0.64
N LEU A 283 35.49 33.75 0.57
CA LEU A 283 35.59 34.67 1.70
C LEU A 283 36.59 34.17 2.74
N ILE A 284 36.49 32.91 3.18
CA ILE A 284 37.42 32.47 4.23
C ILE A 284 38.80 32.07 3.70
N LYS A 285 38.96 32.01 2.38
CA LYS A 285 40.25 31.58 1.82
C LYS A 285 41.44 32.32 2.45
N PRO A 286 41.40 33.67 2.44
CA PRO A 286 42.48 34.48 3.05
C PRO A 286 42.68 34.18 4.52
N TYR A 287 41.63 33.68 5.17
CA TYR A 287 41.66 33.45 6.62
C TYR A 287 42.20 32.08 6.97
N LEU A 288 42.29 31.20 5.97
CA LEU A 288 42.80 29.85 6.18
C LEU A 288 44.29 29.83 6.52
N ASN A 289 44.68 28.92 7.40
CA ASN A 289 46.05 28.83 7.86
C ASN A 289 46.51 27.38 7.79
N ASP A 290 47.63 27.06 8.43
CA ASP A 290 48.16 25.71 8.34
C ASP A 290 47.54 24.75 9.37
N GLN A 291 46.45 25.20 9.99
CA GLN A 291 45.61 24.32 10.79
C GLN A 291 44.50 23.74 9.92
N HIS A 292 44.39 24.27 8.70
CA HIS A 292 43.46 23.75 7.70
C HIS A 292 44.18 22.77 6.75
N LEU A 293 45.42 22.45 7.11
CA LEU A 293 46.17 21.41 6.41
C LEU A 293 45.71 20.02 6.87
N ALA A 294 45.16 19.25 5.95
CA ALA A 294 44.82 17.86 6.20
C ALA A 294 45.45 17.29 4.98
N ILE A 305 46.19 19.83 2.76
CA ILE A 305 45.45 20.04 1.53
C ILE A 305 44.19 20.68 2.13
N ILE A 306 43.62 21.68 1.46
CA ILE A 306 42.60 22.55 2.08
C ILE A 306 41.32 21.87 2.62
N GLU A 307 41.20 21.84 3.95
CA GLU A 307 40.02 21.30 4.63
C GLU A 307 39.49 22.25 5.71
N PHE A 308 38.30 22.79 5.50
CA PHE A 308 37.70 23.67 6.50
C PHE A 308 36.21 23.39 6.67
N ALA A 309 35.66 23.86 7.79
CA ALA A 309 34.28 23.53 8.19
C ALA A 309 33.61 24.63 8.98
N VAL A 310 32.37 24.96 8.63
CA VAL A 310 31.57 25.85 9.46
C VAL A 310 31.37 25.19 10.83
N SER A 311 31.47 25.96 11.89
CA SER A 311 31.42 25.37 13.23
C SER A 311 30.09 25.61 13.89
N LYS A 312 29.44 26.71 13.50
CA LYS A 312 28.20 27.10 14.12
C LYS A 312 27.58 28.15 13.22
N ILE A 313 26.27 28.07 13.04
CA ILE A 313 25.52 29.08 12.30
C ILE A 313 24.37 29.49 13.19
N ILE A 314 24.16 30.79 13.30
CA ILE A 314 23.19 31.29 14.26
C ILE A 314 22.48 32.52 13.75
N LYS A 315 21.27 32.74 14.26
CA LYS A 315 20.40 33.80 13.75
C LYS A 315 20.22 34.94 14.75
N SER A 316 20.19 36.17 14.23
CA SER A 316 19.75 37.29 15.02
C SER A 316 18.27 37.06 15.34
N LYS A 317 17.77 37.62 16.43
CA LYS A 317 16.41 37.32 16.87
C LYS A 317 15.32 38.12 16.15
N ASN A 318 15.61 39.38 15.83
CA ASN A 318 14.61 40.21 15.16
C ASN A 318 15.07 40.73 13.81
N LEU A 319 16.37 40.99 13.69
CA LEU A 319 16.93 41.45 12.43
C LEU A 319 17.13 40.28 11.49
N PRO A 320 17.14 40.57 10.18
CA PRO A 320 17.29 39.56 9.13
C PRO A 320 18.76 39.22 8.96
N PHE A 321 19.44 38.86 10.04
CA PHE A 321 20.86 38.53 9.94
C PHE A 321 21.25 37.17 10.50
N VAL A 322 22.22 36.55 9.84
CA VAL A 322 22.71 35.24 10.22
C VAL A 322 24.20 35.34 10.30
N ALA A 323 24.76 34.77 11.37
CA ALA A 323 26.21 34.77 11.51
C ALA A 323 26.70 33.34 11.59
N PHE A 324 27.93 33.12 11.16
CA PHE A 324 28.57 31.83 11.38
C PHE A 324 30.08 32.00 11.44
N PHE A 325 30.77 30.97 11.90
CA PHE A 325 32.21 30.97 11.81
C PHE A 325 32.80 29.65 11.36
N VAL A 326 33.90 29.73 10.62
CA VAL A 326 34.63 28.57 10.17
C VAL A 326 35.65 28.26 11.24
N GLU A 327 35.79 27.00 11.61
CA GLU A 327 36.67 26.64 12.72
C GLU A 327 38.13 27.00 12.44
N ALA A 328 38.80 27.52 13.48
CA ALA A 328 40.19 28.00 13.40
C ALA A 328 40.43 29.10 12.36
N THR A 329 39.48 30.03 12.23
CA THR A 329 39.73 31.30 11.55
C THR A 329 39.42 32.45 12.53
N LYS A 330 39.86 33.66 12.21
CA LYS A 330 39.70 34.78 13.14
C LYS A 330 38.61 35.71 12.69
N CYS A 331 37.50 35.17 12.19
CA CYS A 331 36.39 36.04 11.82
C CYS A 331 35.06 35.36 12.03
N ILE A 332 34.00 36.12 11.86
CA ILE A 332 32.66 35.58 11.73
C ILE A 332 32.13 36.24 10.49
N ILE A 333 31.33 35.51 9.71
CA ILE A 333 30.74 36.08 8.52
C ILE A 333 29.24 36.29 8.74
N ILE A 334 28.74 37.44 8.31
CA ILE A 334 27.36 37.79 8.54
C ILE A 334 26.62 37.94 7.22
N LEU A 335 25.60 37.11 7.01
CA LEU A 335 24.80 37.17 5.81
C LEU A 335 23.46 37.80 6.13
N GLU A 336 22.83 38.37 5.11
CA GLU A 336 21.48 38.88 5.25
C GLU A 336 20.47 37.94 4.61
N MET A 337 19.35 37.78 5.29
CA MET A 337 18.29 36.92 4.77
C MET A 337 17.32 37.76 3.98
N SER A 338 17.11 37.38 2.72
CA SER A 338 16.25 38.13 1.82
C SER A 338 14.80 38.22 2.33
N GLU A 339 14.28 39.43 2.38
CA GLU A 339 12.88 39.62 2.74
C GLU A 339 12.01 39.49 1.50
N LYS A 340 12.64 39.55 0.33
CA LYS A 340 11.93 39.50 -0.94
C LYS A 340 11.66 38.05 -1.36
N GLN A 341 12.69 37.21 -1.23
CA GLN A 341 12.61 35.82 -1.66
C GLN A 341 13.19 34.89 -0.58
N LYS A 342 12.31 34.19 0.14
CA LYS A 342 12.72 33.37 1.28
C LYS A 342 13.81 32.39 0.93
N GLY A 343 14.86 32.37 1.74
CA GLY A 343 15.96 31.44 1.57
C GLY A 343 17.16 32.04 0.87
N ASP A 344 16.98 33.22 0.30
CA ASP A 344 18.07 33.87 -0.42
C ASP A 344 19.02 34.54 0.55
N LEU A 345 20.31 34.30 0.37
CA LEU A 345 21.32 34.87 1.26
C LEU A 345 22.29 35.75 0.47
N ALA A 346 22.84 36.75 1.16
CA ALA A 346 23.83 37.64 0.57
C ALA A 346 24.76 38.15 1.67
N LEU A 347 26.03 38.31 1.36
CA LEU A 347 26.98 38.73 2.37
C LEU A 347 26.61 40.10 2.88
N LYS A 348 26.79 40.31 4.19
CA LYS A 348 26.50 41.60 4.81
C LYS A 348 27.76 42.21 5.40
N GLN A 349 28.65 41.36 5.89
CA GLN A 349 29.78 41.88 6.63
C GLN A 349 30.66 40.75 7.14
N ILE A 350 31.95 41.04 7.24
CA ILE A 350 32.87 40.12 7.88
C ILE A 350 33.51 40.88 9.03
N ILE A 351 33.62 40.23 10.17
CA ILE A 351 34.22 40.86 11.33
C ILE A 351 35.42 40.04 11.77
N THR A 352 36.56 40.71 11.90
CA THR A 352 37.83 40.06 12.18
C THR A 352 38.25 40.34 13.62
N PHE A 353 38.97 39.41 14.22
CA PHE A 353 39.34 39.50 15.62
C PHE A 353 40.81 39.17 15.80
N PRO A 354 41.37 39.49 16.98
CA PRO A 354 42.81 39.28 17.20
C PRO A 354 43.15 37.81 17.34
N TYR A 355 42.14 36.98 17.52
CA TYR A 355 42.38 35.54 17.66
C TYR A 355 41.32 34.73 16.92
N ASN A 356 41.50 33.41 16.91
CA ASN A 356 40.50 32.51 16.37
C ASN A 356 39.20 32.59 17.16
N VAL A 357 38.08 32.60 16.44
CA VAL A 357 36.78 32.45 17.08
C VAL A 357 36.58 31.01 17.51
N ILE A 358 36.16 30.83 18.76
CA ILE A 358 36.04 29.51 19.36
C ILE A 358 34.56 29.19 19.64
N SER A 359 33.72 30.23 19.73
CA SER A 359 32.29 30.03 19.94
C SER A 359 31.52 31.21 19.41
N LEU A 360 30.27 30.98 19.03
CA LEU A 360 29.44 32.03 18.47
C LEU A 360 28.05 31.90 19.04
N SER A 361 27.52 33.02 19.53
CA SER A 361 26.25 33.03 20.23
C SER A 361 25.47 34.30 19.90
N ALA A 362 24.19 34.29 20.23
CA ALA A 362 23.37 35.44 19.92
C ALA A 362 22.47 35.74 21.10
N HIS A 363 22.32 37.03 21.38
CA HIS A 363 21.38 37.46 22.39
C HIS A 363 20.55 38.57 21.79
N ASN A 364 19.28 38.27 21.51
CA ASN A 364 18.44 39.18 20.76
C ASN A 364 19.07 39.55 19.42
N ASP A 365 19.47 40.80 19.28
CA ASP A 365 20.08 41.24 18.03
C ASP A 365 21.58 41.51 18.16
N GLU A 366 22.20 40.99 19.22
CA GLU A 366 23.66 41.08 19.33
C GLU A 366 24.31 39.69 19.22
N PHE A 367 25.50 39.63 18.64
CA PHE A 367 26.29 38.41 18.64
C PHE A 367 27.37 38.51 19.69
N GLN A 368 27.59 37.43 20.43
CA GLN A 368 28.77 37.33 21.27
C GLN A 368 29.71 36.32 20.64
N VAL A 369 31.00 36.56 20.82
CA VAL A 369 32.02 35.66 20.31
C VAL A 369 33.00 35.37 21.44
N THR A 370 33.63 34.21 21.39
CA THR A 370 34.62 33.85 22.39
C THR A 370 35.88 33.46 21.61
N LEU A 371 37.06 33.83 22.12
CA LEU A 371 38.31 33.69 21.34
C LEU A 371 39.36 32.81 22.00
N ASP A 372 40.22 32.23 21.17
CA ASP A 372 41.34 31.44 21.67
C ASP A 372 42.50 32.39 21.90
N ASN A 373 42.63 32.87 23.12
CA ASN A 373 43.68 33.81 23.47
C ASN A 373 44.74 33.12 24.32
N LYS A 374 44.95 31.83 24.08
CA LYS A 374 45.96 31.03 24.77
C LYS A 374 47.33 31.71 24.74
N GLU A 375 47.63 32.30 23.59
CA GLU A 375 48.98 32.82 23.34
C GLU A 375 49.00 34.34 23.20
N SER A 376 48.54 35.04 24.24
CA SER A 376 48.73 36.47 24.32
C SER A 376 50.03 36.69 25.08
N SER A 377 50.37 37.94 25.32
CA SER A 377 51.59 38.24 26.05
C SER A 377 51.38 39.37 27.03
N GLY A 378 51.91 39.19 28.24
CA GLY A 378 51.73 40.17 29.28
C GLY A 378 50.35 40.03 29.89
N VAL A 379 49.54 41.06 29.76
CA VAL A 379 48.18 40.98 30.27
C VAL A 379 47.24 40.31 29.25
N GLN A 380 46.69 39.17 29.65
CA GLN A 380 45.80 38.37 28.80
C GLN A 380 44.47 39.10 28.59
N LYS A 381 44.18 39.44 27.34
CA LYS A 381 42.99 40.21 27.00
C LYS A 381 42.12 39.50 25.94
N ASN A 382 41.06 40.16 25.48
CA ASN A 382 40.28 39.64 24.35
C ASN A 382 39.71 38.23 24.51
N PHE A 383 39.18 37.92 25.69
CA PHE A 383 38.55 36.60 25.92
C PHE A 383 37.24 36.45 25.14
N ALA A 384 36.55 37.57 24.95
CA ALA A 384 35.25 37.56 24.30
C ALA A 384 34.99 38.90 23.64
N LYS A 385 34.03 38.94 22.72
CA LYS A 385 33.58 40.21 22.14
C LYS A 385 32.07 40.27 22.03
N PHE A 386 31.52 41.44 22.30
CA PHE A 386 30.09 41.65 22.11
C PHE A 386 29.89 42.53 20.90
N ILE A 387 29.21 42.00 19.89
CA ILE A 387 28.96 42.72 18.66
C ILE A 387 27.52 43.19 18.64
N GLU A 388 27.32 44.50 18.40
CA GLU A 388 25.98 45.04 18.36
C GLU A 388 25.70 45.71 17.03
N TYR A 389 24.42 45.73 16.65
CA TYR A 389 24.05 46.35 15.38
C TYR A 389 23.79 47.84 15.55
N ASN A 390 24.41 48.62 14.67
CA ASN A 390 24.32 50.06 14.71
C ASN A 390 23.38 50.54 13.60
N LEU A 391 22.17 50.95 13.98
CA LEU A 391 21.13 51.31 13.01
C LEU A 391 21.57 52.48 12.17
N ASN A 392 22.28 53.41 12.81
CA ASN A 392 22.78 54.59 12.14
C ASN A 392 23.72 54.18 11.02
N GLU A 393 24.70 53.36 11.36
CA GLU A 393 25.74 52.99 10.41
C GLU A 393 25.34 51.80 9.54
N ASN A 394 24.20 51.20 9.85
CA ASN A 394 23.73 50.04 9.10
C ASN A 394 24.79 48.95 9.05
N SER A 395 25.33 48.61 10.22
CA SER A 395 26.48 47.73 10.29
C SER A 395 26.66 47.17 11.70
N PHE A 396 27.40 46.07 11.82
CA PHE A 396 27.70 45.47 13.12
C PHE A 396 29.03 45.96 13.63
N VAL A 397 29.09 46.27 14.92
CA VAL A 397 30.30 46.84 15.51
C VAL A 397 30.57 46.25 16.90
N VAL A 398 31.84 46.00 17.20
CA VAL A 398 32.19 45.52 18.52
C VAL A 398 31.93 46.59 19.57
N ASN A 399 31.43 46.15 20.72
CA ASN A 399 31.23 47.03 21.86
C ASN A 399 32.45 46.87 22.76
N ASN A 400 33.49 47.64 22.44
CA ASN A 400 34.78 47.55 23.10
C ASN A 400 34.78 47.76 24.61
N GLU A 401 34.01 48.75 25.07
CA GLU A 401 33.89 49.00 26.51
C GLU A 401 33.37 47.78 27.25
N LYS A 402 32.15 47.36 26.91
CA LYS A 402 31.53 46.16 27.46
C LYS A 402 32.40 44.90 27.33
N SER A 403 33.07 44.74 26.19
CA SER A 403 33.99 43.63 26.01
C SER A 403 35.19 43.76 26.95
N ASN A 404 35.76 44.97 27.00
CA ASN A 404 36.99 45.16 27.75
C ASN A 404 36.76 44.98 29.25
N GLU A 405 35.62 45.50 29.72
CA GLU A 405 35.26 45.33 31.12
C GLU A 405 35.04 43.85 31.42
N PHE A 406 34.51 43.12 30.43
CA PHE A 406 34.28 41.70 30.61
C PHE A 406 35.62 40.98 30.81
N ASP A 407 36.57 41.27 29.93
CA ASP A 407 37.93 40.75 30.12
C ASP A 407 38.41 41.05 31.55
N SER A 408 38.10 42.26 32.02
CA SER A 408 38.54 42.63 33.36
C SER A 408 37.84 41.77 34.40
N ALA A 409 36.53 41.64 34.27
CA ALA A 409 35.75 40.84 35.19
C ALA A 409 36.19 39.37 35.15
N ILE A 410 36.66 38.91 33.99
CA ILE A 410 37.09 37.53 33.85
C ILE A 410 38.39 37.33 34.62
N ILE A 411 39.35 38.21 34.37
CA ILE A 411 40.64 38.13 35.02
C ILE A 411 40.54 38.07 36.55
N GLN A 412 39.69 38.91 37.13
CA GLN A 412 39.56 38.95 38.59
C GLN A 412 38.60 37.90 39.16
N SER A 413 37.80 37.27 38.31
CA SER A 413 36.88 36.24 38.80
C SER A 413 37.62 34.92 38.94
N VAL A 414 38.74 34.81 38.26
CA VAL A 414 39.34 33.52 37.99
C VAL A 414 40.69 33.32 38.65
N GLN A 415 41.35 34.42 39.02
CA GLN A 415 42.67 34.33 39.62
C GLN A 415 42.64 33.73 41.02
N GLY A 416 43.68 32.97 41.34
CA GLY A 416 43.71 32.16 42.53
C GLY A 416 43.51 30.70 42.15
N ASP A 417 42.45 30.44 41.40
CA ASP A 417 42.13 29.09 40.92
C ASP A 417 43.26 28.53 40.08
N SER A 418 43.95 27.51 40.61
CA SER A 418 45.05 26.86 39.91
C SER A 418 44.51 25.95 38.83
N ASN A 419 43.21 25.69 38.87
CA ASN A 419 42.53 24.88 37.86
C ASN A 419 42.38 25.66 36.56
N LEU A 420 41.80 26.85 36.68
CA LEU A 420 41.47 27.69 35.52
C LEU A 420 42.65 28.48 34.98
N VAL A 421 43.58 28.84 35.86
CA VAL A 421 44.83 29.49 35.44
C VAL A 421 45.92 28.46 35.52
N THR A 422 46.50 28.10 34.38
CA THR A 422 47.40 26.94 34.34
C THR A 422 48.34 26.94 33.13
N LYS A 423 49.18 25.91 33.05
CA LYS A 423 50.11 25.74 31.94
C LYS A 423 49.37 25.68 30.61
N LYS A 424 50.03 26.09 29.54
CA LYS A 424 49.39 26.23 28.24
C LYS A 424 48.99 24.88 27.63
N GLU A 425 49.72 23.83 28.00
CA GLU A 425 49.45 22.48 27.50
C GLU A 425 48.35 21.80 28.33
N GLU A 426 48.09 22.33 29.52
CA GLU A 426 47.01 21.83 30.36
C GLU A 426 45.68 22.50 30.01
N ILE A 427 45.57 22.99 28.78
CA ILE A 427 44.33 23.60 28.31
C ILE A 427 43.58 22.66 27.37
N TYR A 428 42.32 22.39 27.69
CA TYR A 428 41.48 21.50 26.89
C TYR A 428 41.55 21.82 25.39
N PRO A 429 41.57 20.78 24.56
CA PRO A 429 41.52 21.04 23.11
C PRO A 429 40.29 21.88 22.72
N LEU A 430 40.49 22.83 21.81
CA LEU A 430 39.46 23.83 21.55
C LEU A 430 38.88 23.73 20.15
N TYR A 431 39.41 22.85 19.31
CA TYR A 431 38.98 22.77 17.92
C TYR A 431 38.50 21.37 17.55
N ASN A 432 37.21 21.11 17.77
CA ASN A 432 36.69 19.74 17.71
C ASN A 432 35.65 19.40 16.65
N VAL A 433 35.43 20.26 15.65
CA VAL A 433 34.47 19.94 14.60
C VAL A 433 35.12 19.36 13.33
N SER A 434 36.41 19.62 13.16
CA SER A 434 37.17 19.07 12.04
C SER A 434 37.28 17.54 12.10
N SER A 435 37.10 16.98 13.29
CA SER A 435 37.18 15.54 13.51
C SER A 435 35.94 14.75 13.01
N LEU A 436 35.34 15.23 11.92
CA LEU A 436 34.13 14.61 11.38
C LEU A 436 34.25 14.45 9.87
N SER B 2 -53.33 -36.45 -24.11
CA SER B 2 -52.13 -37.11 -23.59
C SER B 2 -50.88 -36.69 -24.34
N VAL B 3 -50.06 -35.85 -23.72
CA VAL B 3 -48.79 -35.45 -24.30
C VAL B 3 -47.63 -35.81 -23.35
N ILE B 4 -46.53 -36.29 -23.94
CA ILE B 4 -45.32 -36.58 -23.18
C ILE B 4 -44.57 -35.28 -22.89
N HIS B 5 -44.18 -35.09 -21.63
CA HIS B 5 -43.42 -33.91 -21.21
C HIS B 5 -42.18 -33.80 -22.08
N PRO B 6 -41.93 -32.62 -22.68
CA PRO B 6 -40.69 -32.45 -23.46
C PRO B 6 -39.42 -32.67 -22.63
N LEU B 7 -38.32 -33.02 -23.28
CA LEU B 7 -37.06 -33.27 -22.59
C LEU B 7 -36.37 -31.96 -22.26
N GLN B 8 -35.83 -31.84 -21.05
CA GLN B 8 -35.24 -30.57 -20.65
C GLN B 8 -33.76 -30.51 -21.01
N ASN B 9 -33.10 -31.66 -20.99
CA ASN B 9 -31.67 -31.73 -21.28
C ASN B 9 -31.20 -33.14 -21.56
N LEU B 10 -30.10 -33.24 -22.29
CA LEU B 10 -29.44 -34.51 -22.52
C LEU B 10 -28.03 -34.38 -21.98
N LEU B 11 -27.43 -35.51 -21.65
CA LEU B 11 -26.04 -35.57 -21.24
C LEU B 11 -25.53 -36.91 -21.75
N THR B 12 -24.50 -36.86 -22.56
CA THR B 12 -23.98 -38.06 -23.18
C THR B 12 -22.65 -38.41 -22.52
N SER B 13 -22.49 -39.66 -22.12
CA SER B 13 -21.22 -40.14 -21.59
C SER B 13 -20.13 -40.00 -22.64
N ARG B 14 -18.88 -40.06 -22.20
CA ARG B 14 -17.74 -39.79 -23.07
C ARG B 14 -17.63 -40.70 -24.30
N ASP B 15 -17.99 -41.97 -24.18
CA ASP B 15 -17.89 -42.86 -25.33
C ASP B 15 -19.09 -42.77 -26.25
N GLY B 16 -20.23 -42.34 -25.68
CA GLY B 16 -21.43 -42.12 -26.47
C GLY B 16 -22.52 -43.14 -26.21
N SER B 17 -22.20 -44.14 -25.40
CA SER B 17 -23.08 -45.28 -25.19
C SER B 17 -24.10 -45.03 -24.10
N LEU B 18 -23.89 -43.99 -23.31
CA LEU B 18 -24.84 -43.64 -22.27
C LEU B 18 -25.39 -42.25 -22.51
N VAL B 19 -26.71 -42.13 -22.49
CA VAL B 19 -27.35 -40.84 -22.63
C VAL B 19 -28.34 -40.66 -21.49
N PHE B 20 -28.31 -39.49 -20.88
CA PHE B 20 -29.23 -39.17 -19.81
C PHE B 20 -30.13 -38.02 -20.24
N ALA B 21 -31.38 -38.06 -19.79
CA ALA B 21 -32.36 -37.04 -20.17
C ALA B 21 -33.15 -36.60 -18.96
N ILE B 22 -33.39 -35.30 -18.89
CA ILE B 22 -34.28 -34.77 -17.89
C ILE B 22 -35.68 -34.60 -18.49
N ILE B 23 -36.68 -35.12 -17.80
CA ILE B 23 -38.07 -34.83 -18.12
C ILE B 23 -38.77 -34.50 -16.83
N LYS B 24 -39.26 -33.28 -16.71
CA LYS B 24 -39.97 -32.89 -15.50
C LYS B 24 -39.05 -33.22 -14.34
N ASN B 25 -39.57 -33.95 -13.36
CA ASN B 25 -38.79 -34.26 -12.18
C ASN B 25 -38.10 -35.62 -12.30
N CYS B 26 -37.78 -36.03 -13.52
CA CYS B 26 -37.21 -37.36 -13.72
C CYS B 26 -35.98 -37.36 -14.59
N ILE B 27 -35.14 -38.36 -14.38
CA ILE B 27 -34.00 -38.62 -15.24
C ILE B 27 -34.18 -40.00 -15.88
N LEU B 28 -34.09 -40.06 -17.20
CA LEU B 28 -34.12 -41.33 -17.90
C LEU B 28 -32.75 -41.63 -18.44
N SER B 29 -32.33 -42.88 -18.32
CA SER B 29 -31.07 -43.28 -18.94
C SER B 29 -31.38 -44.20 -20.10
N PHE B 30 -30.58 -44.07 -21.16
CA PHE B 30 -30.69 -44.91 -22.33
C PHE B 30 -29.29 -45.34 -22.71
N LYS B 31 -29.15 -46.58 -23.17
CA LYS B 31 -27.86 -47.06 -23.66
C LYS B 31 -27.92 -47.03 -25.17
N TYR B 32 -26.77 -46.80 -25.81
CA TYR B 32 -26.75 -46.59 -27.25
C TYR B 32 -25.66 -47.41 -27.94
N GLN B 33 -26.03 -48.05 -29.04
CA GLN B 33 -25.07 -48.67 -29.94
C GLN B 33 -25.50 -48.38 -31.36
N SER B 34 -24.60 -47.91 -32.20
CA SER B 34 -24.97 -47.65 -33.58
C SER B 34 -25.06 -48.94 -34.37
N PRO B 35 -25.67 -48.87 -35.55
CA PRO B 35 -26.30 -47.61 -35.93
C PRO B 35 -27.74 -47.52 -35.41
N ASN B 36 -27.92 -46.69 -34.39
CA ASN B 36 -29.25 -46.23 -33.99
C ASN B 36 -30.04 -47.17 -33.07
N HIS B 37 -29.35 -47.93 -32.23
CA HIS B 37 -30.03 -48.81 -31.28
C HIS B 37 -30.11 -48.16 -29.90
N TRP B 38 -31.33 -47.92 -29.44
CA TRP B 38 -31.58 -47.29 -28.17
C TRP B 38 -32.25 -48.25 -27.20
N GLU B 39 -31.62 -48.49 -26.06
CA GLU B 39 -32.17 -49.35 -25.02
C GLU B 39 -32.45 -48.57 -23.72
N PHE B 40 -33.70 -48.62 -23.25
CA PHE B 40 -34.06 -47.98 -22.00
C PHE B 40 -33.23 -48.56 -20.85
N ALA B 41 -32.72 -47.70 -19.99
CA ALA B 41 -31.83 -48.15 -18.93
C ALA B 41 -32.18 -47.56 -17.57
N GLY B 42 -33.45 -47.19 -17.39
CA GLY B 42 -33.93 -46.83 -16.08
C GLY B 42 -34.55 -45.46 -15.97
N LYS B 43 -35.40 -45.32 -14.97
CA LYS B 43 -36.04 -44.05 -14.70
C LYS B 43 -35.94 -43.72 -13.21
N TRP B 44 -35.34 -42.58 -12.90
CA TRP B 44 -35.38 -42.05 -11.55
C TRP B 44 -36.29 -40.83 -11.48
N SER B 45 -37.15 -40.81 -10.47
CA SER B 45 -38.06 -39.68 -10.30
C SER B 45 -37.81 -39.02 -8.95
N ASP B 46 -38.00 -37.71 -8.90
CA ASP B 46 -37.77 -36.97 -7.68
C ASP B 46 -38.96 -37.11 -6.77
N ASP B 47 -38.75 -37.82 -5.66
CA ASP B 47 -39.84 -38.10 -4.72
C ASP B 47 -39.71 -37.30 -3.42
N PHE B 48 -39.92 -35.98 -3.52
CA PHE B 48 -39.93 -35.13 -2.34
C PHE B 48 -41.35 -34.65 -2.07
N PRO B 100 -45.96 -21.03 -8.75
CA PRO B 100 -46.57 -22.17 -8.10
C PRO B 100 -45.40 -23.05 -7.66
N ILE B 101 -45.44 -24.37 -7.80
CA ILE B 101 -44.25 -25.14 -7.43
C ILE B 101 -43.89 -26.23 -8.43
N TYR B 102 -42.75 -26.04 -9.08
CA TYR B 102 -42.26 -26.97 -10.09
C TYR B 102 -40.98 -27.63 -9.60
N SER B 103 -41.04 -28.95 -9.43
CA SER B 103 -39.88 -29.70 -8.95
C SER B 103 -38.85 -29.90 -10.05
N TYR B 104 -38.17 -28.83 -10.44
CA TYR B 104 -37.19 -28.91 -11.52
C TYR B 104 -36.03 -29.81 -11.15
N ILE B 105 -35.45 -30.43 -12.17
CA ILE B 105 -34.17 -31.12 -12.07
C ILE B 105 -33.28 -30.41 -13.08
N ARG B 106 -32.03 -30.17 -12.72
CA ARG B 106 -31.15 -29.41 -13.60
C ARG B 106 -29.68 -29.78 -13.45
N ASN B 107 -28.90 -29.46 -14.47
CA ASN B 107 -27.44 -29.48 -14.37
C ASN B 107 -26.85 -30.86 -14.25
N LEU B 108 -27.30 -31.78 -15.09
CA LEU B 108 -26.72 -33.11 -15.11
C LEU B 108 -25.23 -32.99 -15.33
N ARG B 109 -24.45 -33.72 -14.54
CA ARG B 109 -23.02 -33.71 -14.71
C ARG B 109 -22.46 -35.05 -14.31
N LEU B 110 -21.55 -35.57 -15.11
CA LEU B 110 -20.85 -36.80 -14.75
C LEU B 110 -19.47 -36.48 -14.18
N THR B 111 -19.09 -37.16 -13.11
CA THR B 111 -17.70 -37.09 -12.63
C THR B 111 -16.77 -37.53 -13.75
N SER B 112 -15.47 -37.39 -13.55
CA SER B 112 -14.54 -37.70 -14.63
C SER B 112 -14.48 -39.20 -14.92
N ASP B 113 -14.65 -40.01 -13.87
CA ASP B 113 -14.56 -41.46 -14.01
C ASP B 113 -15.92 -42.03 -14.34
N GLU B 114 -16.90 -41.14 -14.44
CA GLU B 114 -18.27 -41.50 -14.77
C GLU B 114 -18.86 -42.52 -13.82
N SER B 115 -18.24 -42.67 -12.65
CA SER B 115 -18.78 -43.52 -11.60
C SER B 115 -20.04 -42.91 -11.02
N ARG B 116 -20.07 -41.58 -10.96
CA ARG B 116 -21.19 -40.88 -10.36
C ARG B 116 -21.74 -39.79 -11.27
N LEU B 117 -23.00 -39.46 -11.06
CA LEU B 117 -23.67 -38.42 -11.81
C LEU B 117 -24.23 -37.47 -10.78
N ILE B 118 -24.10 -36.17 -11.02
CA ILE B 118 -24.68 -35.22 -10.10
C ILE B 118 -25.70 -34.36 -10.79
N ALA B 119 -26.58 -33.76 -10.00
CA ALA B 119 -27.64 -32.92 -10.53
C ALA B 119 -28.22 -32.10 -9.40
N CYS B 120 -29.09 -31.16 -9.74
CA CYS B 120 -29.70 -30.31 -8.74
C CYS B 120 -31.19 -30.56 -8.73
N ALA B 121 -31.75 -30.68 -7.52
CA ALA B 121 -33.18 -30.82 -7.34
C ALA B 121 -33.73 -29.54 -6.70
N ASP B 122 -34.66 -28.88 -7.36
CA ASP B 122 -35.26 -27.63 -6.85
C ASP B 122 -36.16 -27.88 -5.63
N SER B 123 -36.84 -29.01 -5.64
CA SER B 123 -37.79 -29.36 -4.59
C SER B 123 -37.12 -29.30 -3.25
N ASP B 124 -35.80 -29.46 -3.28
CA ASP B 124 -35.05 -29.82 -2.11
C ASP B 124 -33.87 -28.89 -1.89
N LYS B 125 -33.67 -27.97 -2.83
CA LYS B 125 -32.45 -27.17 -2.86
C LYS B 125 -31.24 -28.08 -2.60
N SER B 126 -31.18 -29.20 -3.30
CA SER B 126 -30.17 -30.21 -3.03
C SER B 126 -29.21 -30.48 -4.19
N LEU B 127 -28.06 -31.06 -3.85
CA LEU B 127 -27.14 -31.60 -4.81
C LEU B 127 -27.33 -33.11 -4.75
N LEU B 128 -27.93 -33.68 -5.80
CA LEU B 128 -28.12 -35.11 -5.87
C LEU B 128 -26.84 -35.76 -6.34
N VAL B 129 -26.47 -36.85 -5.70
CA VAL B 129 -25.37 -37.66 -6.20
C VAL B 129 -25.90 -39.05 -6.46
N PHE B 130 -25.70 -39.53 -7.67
CA PHE B 130 -26.16 -40.85 -8.08
C PHE B 130 -24.96 -41.77 -8.30
N ASP B 131 -25.13 -43.05 -8.02
CA ASP B 131 -24.17 -44.05 -8.48
C ASP B 131 -24.58 -44.53 -9.86
N VAL B 132 -23.61 -44.70 -10.75
CA VAL B 132 -23.89 -45.06 -12.15
C VAL B 132 -23.44 -46.48 -12.54
N ASP B 133 -24.41 -47.37 -12.69
CA ASP B 133 -24.14 -48.75 -13.10
C ASP B 133 -24.25 -48.89 -14.61
N LYS B 134 -23.09 -48.95 -15.27
CA LYS B 134 -23.01 -49.03 -16.72
C LYS B 134 -23.59 -50.35 -17.24
N THR B 135 -23.82 -51.29 -16.33
CA THR B 135 -24.29 -52.63 -16.70
C THR B 135 -25.73 -52.89 -16.30
N SER B 136 -26.14 -52.34 -15.16
CA SER B 136 -27.48 -52.59 -14.62
C SER B 136 -28.60 -52.21 -15.59
N LYS B 137 -29.76 -52.83 -15.40
CA LYS B 137 -30.96 -52.47 -16.15
C LYS B 137 -31.40 -51.07 -15.75
N ASN B 138 -31.41 -50.79 -14.46
CA ASN B 138 -31.57 -49.44 -13.96
C ASN B 138 -30.19 -48.85 -13.62
N VAL B 139 -29.77 -47.84 -14.36
CA VAL B 139 -28.41 -47.34 -14.32
C VAL B 139 -28.12 -46.41 -13.14
N LEU B 140 -29.14 -45.67 -12.70
CA LEU B 140 -28.95 -44.68 -11.65
C LEU B 140 -29.46 -45.10 -10.28
N LYS B 141 -28.60 -44.95 -9.27
CA LYS B 141 -29.00 -45.13 -7.88
C LYS B 141 -28.68 -43.89 -7.06
N LEU B 142 -29.74 -43.15 -6.70
CA LEU B 142 -29.58 -41.98 -5.84
C LEU B 142 -28.99 -42.42 -4.52
N ARG B 143 -27.82 -41.89 -4.18
CA ARG B 143 -27.17 -42.26 -2.93
C ARG B 143 -26.95 -41.11 -1.94
N LYS B 144 -27.00 -39.87 -2.43
CA LYS B 144 -26.87 -38.74 -1.52
C LYS B 144 -27.71 -37.53 -1.92
N ARG B 145 -28.06 -36.74 -0.91
CA ARG B 145 -28.74 -35.48 -1.12
C ARG B 145 -28.18 -34.39 -0.21
N PHE B 146 -27.35 -33.53 -0.78
CA PHE B 146 -26.78 -32.41 -0.03
C PHE B 146 -27.70 -31.20 -0.11
N CYS B 147 -28.34 -30.84 0.99
CA CYS B 147 -29.28 -29.71 0.99
C CYS B 147 -28.66 -28.34 1.30
N PHE B 148 -29.28 -27.30 0.74
CA PHE B 148 -28.79 -25.93 0.85
C PHE B 148 -29.94 -24.99 1.23
N SER B 149 -29.61 -23.78 1.62
CA SER B 149 -30.63 -22.83 2.05
C SER B 149 -31.33 -22.19 0.86
N LYS B 150 -30.55 -21.87 -0.17
CA LYS B 150 -31.08 -21.32 -1.41
C LYS B 150 -30.85 -22.40 -2.45
N ARG B 151 -31.63 -22.40 -3.52
CA ARG B 151 -31.50 -23.47 -4.50
C ARG B 151 -30.30 -23.27 -5.40
N PRO B 152 -29.54 -24.33 -5.64
CA PRO B 152 -28.44 -24.32 -6.59
C PRO B 152 -28.93 -23.85 -7.96
N ASN B 153 -28.09 -23.13 -8.69
CA ASN B 153 -28.44 -22.73 -10.03
C ASN B 153 -27.46 -23.23 -11.08
N ALA B 154 -26.18 -23.26 -10.74
CA ALA B 154 -25.16 -23.77 -11.64
C ALA B 154 -24.15 -24.50 -10.80
N ILE B 155 -23.47 -25.47 -11.40
CA ILE B 155 -22.44 -26.23 -10.71
C ILE B 155 -21.27 -26.54 -11.62
N SER B 156 -20.15 -26.87 -11.01
CA SER B 156 -18.96 -27.28 -11.73
C SER B 156 -18.20 -28.21 -10.79
N ILE B 157 -17.62 -29.27 -11.33
CA ILE B 157 -16.78 -30.11 -10.48
C ILE B 157 -15.35 -29.59 -10.51
N ALA B 158 -14.68 -29.65 -9.36
CA ALA B 158 -13.31 -29.20 -9.25
C ALA B 158 -12.33 -30.17 -9.91
N GLU B 159 -11.08 -29.72 -10.04
CA GLU B 159 -10.04 -30.53 -10.66
C GLU B 159 -9.88 -31.86 -9.94
N ASP B 160 -10.00 -31.83 -8.62
CA ASP B 160 -9.89 -33.02 -7.78
C ASP B 160 -10.93 -34.10 -8.07
N ASP B 161 -11.97 -33.73 -8.82
CA ASP B 161 -13.05 -34.66 -9.20
C ASP B 161 -13.91 -35.11 -8.00
N THR B 162 -13.82 -34.39 -6.89
CA THR B 162 -14.57 -34.76 -5.68
C THR B 162 -15.26 -33.55 -5.05
N THR B 163 -14.77 -32.38 -5.39
CA THR B 163 -15.33 -31.15 -4.88
C THR B 163 -16.23 -30.51 -5.92
N VAL B 164 -17.45 -30.19 -5.51
CA VAL B 164 -18.43 -29.61 -6.39
C VAL B 164 -18.64 -28.16 -6.02
N ILE B 165 -18.55 -27.28 -7.02
CA ILE B 165 -18.84 -25.88 -6.81
C ILE B 165 -20.31 -25.59 -7.13
N ILE B 166 -21.04 -25.16 -6.12
CA ILE B 166 -22.46 -24.84 -6.26
C ILE B 166 -22.64 -23.33 -6.24
N ALA B 167 -23.23 -22.77 -7.29
CA ALA B 167 -23.58 -21.35 -7.31
C ALA B 167 -25.09 -21.21 -7.13
N ASP B 168 -25.53 -20.48 -6.11
CA ASP B 168 -26.95 -20.43 -5.81
C ASP B 168 -27.67 -19.21 -6.38
N LYS B 169 -28.99 -19.26 -6.28
CA LYS B 169 -29.90 -18.21 -6.78
C LYS B 169 -29.60 -16.84 -6.20
N PHE B 170 -29.07 -16.79 -4.98
CA PHE B 170 -28.87 -15.52 -4.28
C PHE B 170 -27.50 -14.89 -4.46
N GLY B 171 -26.58 -15.58 -5.12
CA GLY B 171 -25.28 -15.01 -5.39
C GLY B 171 -24.12 -15.59 -4.61
N ASP B 172 -24.39 -16.57 -3.75
CA ASP B 172 -23.33 -17.23 -2.99
C ASP B 172 -22.82 -18.46 -3.72
N VAL B 173 -21.57 -18.80 -3.47
CA VAL B 173 -20.95 -19.98 -4.04
C VAL B 173 -20.45 -20.86 -2.91
N TYR B 174 -20.84 -22.13 -2.91
CA TYR B 174 -20.35 -23.08 -1.93
C TYR B 174 -19.53 -24.18 -2.57
N SER B 175 -18.73 -24.87 -1.76
CA SER B 175 -18.09 -26.06 -2.21
C SER B 175 -18.56 -27.20 -1.34
N ILE B 176 -18.60 -28.39 -1.92
CA ILE B 176 -19.13 -29.57 -1.26
C ILE B 176 -18.21 -30.71 -1.64
N ASP B 177 -17.83 -31.53 -0.66
CA ASP B 177 -17.12 -32.75 -0.96
C ASP B 177 -18.17 -33.84 -1.07
N ILE B 178 -18.31 -34.40 -2.27
CA ILE B 178 -19.37 -35.37 -2.50
C ILE B 178 -19.15 -36.68 -1.76
N ASN B 179 -17.90 -36.92 -1.36
CA ASN B 179 -17.61 -38.08 -0.50
C ASN B 179 -18.15 -37.95 0.93
N SER B 180 -18.32 -36.71 1.39
CA SER B 180 -18.72 -36.46 2.76
C SER B 180 -20.17 -36.82 3.01
N ILE B 181 -20.54 -36.94 4.28
CA ILE B 181 -21.90 -37.28 4.66
C ILE B 181 -22.73 -36.02 4.69
N PRO B 182 -23.86 -36.03 3.96
CA PRO B 182 -24.81 -34.91 3.95
C PRO B 182 -25.22 -34.45 5.35
N GLU B 183 -24.89 -33.22 5.70
CA GLU B 183 -25.24 -32.68 7.00
C GLU B 183 -26.73 -32.33 7.00
N GLU B 184 -27.47 -32.86 7.95
CA GLU B 184 -28.91 -32.63 8.05
C GLU B 184 -29.27 -31.16 7.98
N LYS B 185 -28.59 -30.33 8.76
CA LYS B 185 -28.73 -28.88 8.66
C LYS B 185 -27.44 -28.33 8.06
N PHE B 186 -27.54 -27.50 7.02
CA PHE B 186 -26.35 -27.05 6.30
C PHE B 186 -25.58 -25.98 7.05
N THR B 187 -24.29 -26.24 7.24
CA THR B 187 -23.45 -25.39 8.07
C THR B 187 -22.06 -25.14 7.47
N GLN B 188 -22.01 -24.27 6.46
CA GLN B 188 -20.74 -23.75 5.99
C GLN B 188 -20.97 -22.46 5.20
N GLU B 189 -20.03 -21.53 5.34
CA GLU B 189 -20.13 -20.21 4.72
C GLU B 189 -19.75 -20.26 3.24
N PRO B 190 -20.30 -19.33 2.44
CA PRO B 190 -19.93 -19.24 1.02
C PRO B 190 -18.43 -19.08 0.84
N ILE B 191 -17.94 -19.53 -0.30
CA ILE B 191 -16.53 -19.51 -0.62
C ILE B 191 -16.26 -18.15 -1.30
N LEU B 192 -17.27 -17.65 -1.98
CA LEU B 192 -17.30 -16.29 -2.46
C LEU B 192 -18.75 -15.95 -2.81
N GLY B 193 -19.00 -14.72 -3.28
CA GLY B 193 -20.36 -14.26 -3.47
C GLY B 193 -20.49 -12.98 -4.28
N HIS B 194 -21.63 -12.82 -4.93
CA HIS B 194 -22.01 -11.60 -5.61
C HIS B 194 -23.30 -11.16 -4.91
N VAL B 195 -23.71 -9.90 -5.10
CA VAL B 195 -24.97 -9.44 -4.55
C VAL B 195 -26.06 -9.51 -5.61
N SER B 196 -25.69 -9.85 -6.83
CA SER B 196 -26.67 -10.15 -7.86
C SER B 196 -26.90 -11.66 -8.05
N MET B 197 -27.85 -12.03 -8.89
CA MET B 197 -28.16 -13.44 -9.10
C MET B 197 -27.08 -14.10 -9.95
N LEU B 198 -26.60 -15.25 -9.49
CA LEU B 198 -25.55 -15.98 -10.18
C LEU B 198 -26.11 -16.79 -11.35
N THR B 199 -25.39 -16.75 -12.45
CA THR B 199 -25.84 -17.25 -13.74
C THR B 199 -25.08 -18.48 -14.24
N ASP B 200 -23.82 -18.64 -13.85
CA ASP B 200 -22.96 -19.70 -14.36
C ASP B 200 -21.66 -19.81 -13.52
N VAL B 201 -21.14 -21.03 -13.37
CA VAL B 201 -19.85 -21.25 -12.73
C VAL B 201 -18.97 -22.16 -13.56
N HIS B 202 -17.70 -21.81 -13.64
CA HIS B 202 -16.75 -22.70 -14.25
C HIS B 202 -15.46 -22.71 -13.45
N LEU B 203 -15.03 -23.90 -13.06
CA LEU B 203 -13.66 -24.09 -12.58
C LEU B 203 -12.77 -24.14 -13.79
N ILE B 204 -11.57 -23.62 -13.65
CA ILE B 204 -10.75 -23.42 -14.81
C ILE B 204 -9.31 -23.35 -14.31
N LYS B 205 -8.34 -23.49 -15.20
CA LYS B 205 -6.96 -23.71 -14.81
C LYS B 205 -6.08 -23.01 -15.80
N ASP B 206 -5.09 -22.25 -15.34
CA ASP B 206 -4.08 -21.71 -16.27
C ASP B 206 -2.97 -22.74 -16.51
N SER B 207 -2.01 -22.41 -17.37
CA SER B 207 -0.93 -23.35 -17.69
C SER B 207 -0.19 -23.91 -16.47
N ASP B 208 0.03 -23.07 -15.47
CA ASP B 208 0.78 -23.45 -14.26
C ASP B 208 0.01 -24.33 -13.28
N GLY B 209 -1.20 -24.74 -13.65
CA GLY B 209 -2.03 -25.54 -12.78
C GLY B 209 -2.79 -24.75 -11.72
N HIS B 210 -2.72 -23.42 -11.79
CA HIS B 210 -3.45 -22.54 -10.88
C HIS B 210 -4.94 -22.58 -11.21
N GLN B 211 -5.75 -22.78 -10.19
CA GLN B 211 -7.19 -22.79 -10.40
C GLN B 211 -7.90 -21.44 -10.20
N PHE B 212 -8.86 -21.20 -11.07
CA PHE B 212 -9.72 -20.05 -11.01
C PHE B 212 -11.16 -20.50 -11.10
N ILE B 213 -12.04 -19.84 -10.36
CA ILE B 213 -13.47 -19.97 -10.60
C ILE B 213 -14.04 -18.74 -11.27
N ILE B 214 -14.76 -18.95 -12.37
CA ILE B 214 -15.39 -17.90 -13.15
C ILE B 214 -16.88 -17.92 -12.86
N THR B 215 -17.39 -16.79 -12.39
CA THR B 215 -18.83 -16.66 -12.13
C THR B 215 -19.39 -15.48 -12.90
N SER B 216 -20.58 -15.66 -13.42
CA SER B 216 -21.27 -14.61 -14.16
C SER B 216 -22.58 -14.30 -13.45
N ASP B 217 -23.14 -13.11 -13.66
CA ASP B 217 -24.34 -12.77 -12.93
C ASP B 217 -25.38 -11.96 -13.72
N ARG B 218 -26.54 -11.75 -13.10
CA ARG B 218 -27.65 -11.07 -13.73
C ARG B 218 -27.36 -9.60 -13.99
N ASP B 219 -26.34 -9.07 -13.34
CA ASP B 219 -25.97 -7.66 -13.49
C ASP B 219 -24.75 -7.43 -14.38
N GLU B 220 -24.59 -8.29 -15.38
CA GLU B 220 -23.60 -8.15 -16.46
C GLU B 220 -22.15 -8.46 -16.07
N HIS B 221 -21.95 -8.96 -14.85
CA HIS B 221 -20.58 -9.24 -14.40
C HIS B 221 -20.05 -10.62 -14.77
N ILE B 222 -18.77 -10.66 -15.09
CA ILE B 222 -18.03 -11.91 -15.21
C ILE B 222 -16.82 -11.73 -14.30
N LYS B 223 -16.85 -12.41 -13.17
CA LYS B 223 -15.82 -12.30 -12.17
C LYS B 223 -14.88 -13.51 -12.23
N ILE B 224 -13.57 -13.25 -12.15
CA ILE B 224 -12.60 -14.34 -12.10
C ILE B 224 -11.88 -14.32 -10.76
N SER B 225 -12.04 -15.39 -9.99
CA SER B 225 -11.43 -15.49 -8.66
C SER B 225 -10.43 -16.65 -8.58
N HIS B 226 -9.43 -16.47 -7.72
CA HIS B 226 -8.53 -17.56 -7.37
C HIS B 226 -9.28 -18.65 -6.62
N TYR B 227 -8.87 -19.89 -6.87
CA TYR B 227 -9.42 -21.03 -6.16
C TYR B 227 -8.24 -21.91 -5.81
N PRO B 228 -8.18 -22.40 -4.55
CA PRO B 228 -9.14 -22.20 -3.47
C PRO B 228 -9.04 -20.87 -2.70
N GLN B 229 -8.06 -20.02 -3.02
CA GLN B 229 -7.99 -18.69 -2.38
C GLN B 229 -9.08 -17.76 -2.91
N CYS B 230 -10.33 -18.07 -2.58
CA CYS B 230 -11.49 -17.34 -3.12
C CYS B 230 -11.68 -15.93 -2.55
N PHE B 231 -10.93 -15.58 -1.49
CA PHE B 231 -10.94 -14.23 -0.98
C PHE B 231 -10.20 -13.27 -1.92
N ILE B 232 -9.64 -13.81 -3.01
CA ILE B 232 -8.88 -12.97 -3.93
C ILE B 232 -9.50 -12.92 -5.30
N VAL B 233 -10.09 -11.78 -5.63
CA VAL B 233 -10.62 -11.57 -6.95
C VAL B 233 -9.48 -11.28 -7.89
N ASP B 234 -9.35 -12.07 -8.95
CA ASP B 234 -8.33 -11.82 -9.94
C ASP B 234 -8.69 -10.64 -10.84
N LYS B 235 -9.83 -10.72 -11.53
CA LYS B 235 -10.32 -9.59 -12.32
C LYS B 235 -11.77 -9.80 -12.73
N TRP B 236 -12.32 -8.83 -13.46
CA TRP B 236 -13.65 -8.91 -14.07
C TRP B 236 -13.48 -8.72 -15.58
N LEU B 237 -14.39 -9.28 -16.37
CA LEU B 237 -14.37 -9.02 -17.81
C LEU B 237 -15.47 -8.03 -18.09
N PHE B 238 -15.12 -6.91 -18.69
CA PHE B 238 -16.07 -5.81 -18.81
C PHE B 238 -16.44 -5.66 -20.27
N GLY B 239 -17.73 -5.50 -20.53
CA GLY B 239 -18.22 -5.34 -21.89
C GLY B 239 -19.70 -5.57 -22.06
N HIS B 240 -20.26 -6.52 -21.30
CA HIS B 240 -21.68 -6.83 -21.40
C HIS B 240 -22.52 -5.66 -20.91
N LYS B 241 -23.51 -5.29 -21.73
CA LYS B 241 -24.48 -4.27 -21.35
C LYS B 241 -25.72 -4.90 -20.72
N HIS B 242 -25.84 -6.21 -20.84
CA HIS B 242 -27.03 -6.92 -20.36
C HIS B 242 -26.65 -8.16 -19.58
N PHE B 243 -27.61 -8.77 -18.91
CA PHE B 243 -27.29 -9.93 -18.11
C PHE B 243 -26.49 -10.95 -18.95
N VAL B 244 -25.62 -11.70 -18.29
CA VAL B 244 -24.95 -12.76 -19.02
C VAL B 244 -25.49 -14.07 -18.55
N SER B 245 -25.81 -14.94 -19.49
CA SER B 245 -26.48 -16.18 -19.16
C SER B 245 -25.53 -17.37 -19.26
N SER B 246 -24.55 -17.26 -20.13
CA SER B 246 -23.79 -18.44 -20.47
C SER B 246 -22.35 -18.13 -20.81
N ILE B 247 -21.46 -18.98 -20.31
CA ILE B 247 -20.05 -18.88 -20.63
C ILE B 247 -19.54 -20.24 -21.05
N CYS B 248 -18.65 -20.28 -22.02
CA CYS B 248 -17.91 -21.51 -22.26
C CYS B 248 -16.42 -21.24 -22.45
N CYS B 249 -15.58 -22.11 -21.91
CA CYS B 249 -14.14 -21.92 -21.93
C CYS B 249 -13.47 -22.66 -23.07
N GLY B 250 -12.60 -21.96 -23.80
CA GLY B 250 -11.90 -22.54 -24.93
C GLY B 250 -10.42 -22.80 -24.73
N LYS B 251 -9.67 -22.88 -25.84
CA LYS B 251 -8.24 -23.13 -25.79
C LYS B 251 -7.44 -21.85 -25.66
N ASP B 252 -6.29 -21.96 -25.01
CA ASP B 252 -5.38 -20.83 -24.81
C ASP B 252 -6.09 -19.59 -24.27
N TYR B 253 -6.72 -19.75 -23.11
CA TYR B 253 -7.37 -18.65 -22.41
C TYR B 253 -8.51 -17.98 -23.18
N LEU B 254 -9.04 -18.65 -24.20
CA LEU B 254 -10.18 -18.09 -24.89
C LEU B 254 -11.44 -18.37 -24.09
N LEU B 255 -12.25 -17.34 -23.94
CA LEU B 255 -13.52 -17.48 -23.26
C LEU B 255 -14.59 -16.88 -24.15
N LEU B 256 -15.74 -17.52 -24.15
CA LEU B 256 -16.89 -17.03 -24.90
C LEU B 256 -18.05 -16.78 -23.93
N SER B 257 -18.70 -15.63 -24.06
CA SER B 257 -19.85 -15.32 -23.18
C SER B 257 -21.01 -14.74 -23.94
N ALA B 258 -22.21 -14.97 -23.42
CA ALA B 258 -23.44 -14.47 -24.04
C ALA B 258 -24.60 -14.27 -23.06
N GLY B 259 -25.68 -13.69 -23.57
CA GLY B 259 -26.89 -13.53 -22.80
C GLY B 259 -27.78 -12.49 -23.42
N GLY B 260 -28.20 -11.52 -22.62
CA GLY B 260 -29.13 -10.52 -23.10
C GLY B 260 -28.59 -9.64 -24.19
N ASP B 261 -27.28 -9.59 -24.33
CA ASP B 261 -26.66 -8.71 -25.31
C ASP B 261 -26.95 -9.15 -26.74
N ASP B 262 -26.63 -8.27 -27.67
CA ASP B 262 -26.86 -8.41 -29.09
C ASP B 262 -25.71 -9.18 -29.73
N LYS B 263 -24.69 -9.47 -28.94
CA LYS B 263 -23.45 -9.99 -29.47
C LYS B 263 -22.92 -11.13 -28.61
N ILE B 264 -22.13 -12.00 -29.23
CA ILE B 264 -21.38 -12.98 -28.49
C ILE B 264 -20.05 -12.32 -28.20
N PHE B 265 -19.57 -12.48 -26.97
CA PHE B 265 -18.32 -11.84 -26.55
C PHE B 265 -17.18 -12.85 -26.51
N ALA B 266 -16.02 -12.43 -27.01
CA ALA B 266 -14.82 -13.25 -26.94
C ALA B 266 -13.71 -12.56 -26.13
N TRP B 267 -13.12 -13.30 -25.20
CA TRP B 267 -12.12 -12.77 -24.30
C TRP B 267 -10.89 -13.66 -24.26
N ASP B 268 -9.76 -13.06 -23.95
CA ASP B 268 -8.64 -13.78 -23.37
C ASP B 268 -8.78 -13.56 -21.87
N TRP B 269 -9.02 -14.59 -21.10
CA TRP B 269 -9.31 -14.37 -19.69
C TRP B 269 -8.08 -14.17 -18.79
N LYS B 270 -6.92 -14.58 -19.27
CA LYS B 270 -5.68 -14.25 -18.57
C LYS B 270 -5.43 -12.76 -18.73
N THR B 271 -5.47 -12.32 -19.99
CA THR B 271 -5.33 -10.92 -20.32
C THR B 271 -6.46 -10.06 -19.77
N GLY B 272 -7.67 -10.61 -19.77
CA GLY B 272 -8.86 -9.86 -19.47
C GLY B 272 -9.33 -9.01 -20.63
N LYS B 273 -8.63 -9.08 -21.74
CA LYS B 273 -9.00 -8.28 -22.90
C LYS B 273 -10.15 -8.90 -23.70
N ASN B 274 -11.09 -8.05 -24.11
CA ASN B 274 -12.17 -8.46 -25.02
C ASN B 274 -11.66 -8.52 -26.46
N LEU B 275 -11.40 -9.74 -26.94
CA LEU B 275 -10.80 -9.95 -28.26
C LEU B 275 -11.68 -9.45 -29.39
N SER B 276 -12.98 -9.64 -29.26
CA SER B 276 -13.91 -9.23 -30.30
C SER B 276 -15.32 -9.62 -29.92
N THR B 277 -16.27 -9.15 -30.70
CA THR B 277 -17.66 -9.48 -30.47
C THR B 277 -18.31 -9.82 -31.80
N PHE B 278 -19.26 -10.74 -31.75
CA PHE B 278 -20.00 -11.17 -32.95
C PHE B 278 -21.47 -10.80 -32.84
N ASP B 279 -21.93 -9.95 -33.74
CA ASP B 279 -23.30 -9.48 -33.71
C ASP B 279 -24.22 -10.46 -34.45
N TYR B 280 -25.22 -10.99 -33.76
CA TYR B 280 -26.09 -12.01 -34.34
C TYR B 280 -27.50 -11.47 -34.55
N ASN B 281 -27.66 -10.17 -34.45
CA ASN B 281 -28.99 -9.58 -34.54
C ASN B 281 -29.63 -9.79 -35.91
N SER B 282 -28.86 -9.59 -36.97
CA SER B 282 -29.37 -9.78 -38.32
C SER B 282 -29.49 -11.25 -38.71
N LEU B 283 -29.40 -12.15 -37.74
CA LEU B 283 -29.63 -13.56 -38.01
C LEU B 283 -30.90 -14.04 -37.32
N ILE B 284 -31.10 -13.75 -36.03
CA ILE B 284 -32.30 -14.28 -35.39
C ILE B 284 -33.54 -13.45 -35.65
N LYS B 285 -33.38 -12.27 -36.23
CA LYS B 285 -34.52 -11.39 -36.46
C LYS B 285 -35.74 -12.13 -37.07
N PRO B 286 -35.54 -12.82 -38.21
CA PRO B 286 -36.60 -13.59 -38.86
C PRO B 286 -37.19 -14.66 -37.96
N TYR B 287 -36.42 -15.11 -36.97
CA TYR B 287 -36.83 -16.20 -36.10
C TYR B 287 -37.61 -15.72 -34.90
N LEU B 288 -37.55 -14.42 -34.64
CA LEU B 288 -38.28 -13.83 -33.53
C LEU B 288 -39.81 -13.89 -33.72
N ASN B 289 -40.52 -14.13 -32.63
CA ASN B 289 -41.95 -14.27 -32.64
C ASN B 289 -42.58 -13.41 -31.54
N ASP B 290 -43.84 -13.65 -31.21
CA ASP B 290 -44.51 -12.77 -30.26
C ASP B 290 -44.29 -13.23 -28.82
N GLN B 291 -43.34 -14.14 -28.66
CA GLN B 291 -42.85 -14.50 -27.33
C GLN B 291 -41.66 -13.60 -26.98
N HIS B 292 -41.19 -12.86 -27.98
CA HIS B 292 -40.12 -11.89 -27.79
C HIS B 292 -40.70 -10.51 -27.59
N LEU B 293 -42.02 -10.44 -27.44
CA LEU B 293 -42.71 -9.20 -27.09
C LEU B 293 -42.57 -8.91 -25.61
N ALA B 294 -41.93 -7.78 -25.30
CA ALA B 294 -41.71 -7.44 -23.91
C ALA B 294 -42.55 -6.34 -23.28
N PRO B 295 -43.19 -6.75 -22.17
CA PRO B 295 -44.23 -6.23 -21.27
C PRO B 295 -44.30 -4.71 -21.21
N PRO B 296 -45.42 -4.17 -20.73
CA PRO B 296 -45.68 -2.73 -20.77
C PRO B 296 -44.52 -2.00 -21.44
N ILE B 305 -42.11 -5.12 -27.37
CA ILE B 305 -40.98 -4.50 -28.04
C ILE B 305 -39.86 -5.52 -27.99
N ILE B 306 -39.01 -5.55 -29.01
CA ILE B 306 -38.09 -6.67 -29.22
C ILE B 306 -37.08 -6.95 -28.09
N GLU B 307 -37.29 -8.07 -27.39
CA GLU B 307 -36.37 -8.54 -26.35
C GLU B 307 -36.02 -10.01 -26.50
N PHE B 308 -34.75 -10.29 -26.77
CA PHE B 308 -34.31 -11.68 -26.90
C PHE B 308 -32.96 -11.90 -26.22
N ALA B 309 -32.65 -13.16 -25.91
CA ALA B 309 -31.47 -13.52 -25.15
C ALA B 309 -30.89 -14.87 -25.57
N VAL B 310 -29.56 -14.93 -25.71
CA VAL B 310 -28.88 -16.21 -25.88
C VAL B 310 -29.11 -17.04 -24.62
N SER B 311 -29.40 -18.32 -24.79
CA SER B 311 -29.73 -19.17 -23.65
C SER B 311 -28.55 -20.04 -23.24
N LYS B 312 -27.68 -20.36 -24.18
CA LYS B 312 -26.60 -21.29 -23.95
C LYS B 312 -25.64 -21.15 -25.11
N ILE B 313 -24.34 -21.18 -24.80
CA ILE B 313 -23.32 -21.15 -25.82
C ILE B 313 -22.36 -22.27 -25.49
N ILE B 314 -22.02 -23.08 -26.49
CA ILE B 314 -21.28 -24.29 -26.22
C ILE B 314 -20.29 -24.59 -27.36
N LYS B 315 -19.24 -25.34 -27.03
CA LYS B 315 -18.14 -25.54 -27.96
C LYS B 315 -18.06 -26.97 -28.42
N SER B 316 -17.77 -27.17 -29.69
CA SER B 316 -17.34 -28.47 -30.16
C SER B 316 -16.03 -28.86 -29.43
N LYS B 317 -15.80 -30.15 -29.24
CA LYS B 317 -14.62 -30.58 -28.48
C LYS B 317 -13.29 -30.52 -29.26
N ASN B 318 -13.31 -30.88 -30.55
CA ASN B 318 -12.08 -30.87 -31.33
C ASN B 318 -12.11 -29.92 -32.51
N LEU B 319 -13.28 -29.77 -33.11
CA LEU B 319 -13.44 -28.86 -34.24
C LEU B 319 -13.57 -27.42 -33.74
N PRO B 320 -13.22 -26.46 -34.58
CA PRO B 320 -13.23 -25.05 -34.27
C PRO B 320 -14.65 -24.46 -34.38
N PHE B 321 -15.62 -25.12 -33.77
CA PHE B 321 -17.00 -24.65 -33.86
C PHE B 321 -17.66 -24.36 -32.51
N VAL B 322 -18.48 -23.32 -32.53
CA VAL B 322 -19.27 -22.92 -31.39
C VAL B 322 -20.74 -22.86 -31.79
N ALA B 323 -21.60 -23.40 -30.95
CA ALA B 323 -23.03 -23.31 -31.22
C ALA B 323 -23.75 -22.59 -30.08
N PHE B 324 -24.84 -21.90 -30.40
CA PHE B 324 -25.66 -21.31 -29.36
C PHE B 324 -27.08 -21.19 -29.82
N PHE B 325 -28.00 -20.99 -28.89
CA PHE B 325 -29.37 -20.72 -29.27
C PHE B 325 -30.00 -19.55 -28.50
N VAL B 326 -30.84 -18.81 -29.20
CA VAL B 326 -31.60 -17.73 -28.61
C VAL B 326 -32.88 -18.33 -28.08
N GLU B 327 -33.27 -17.97 -26.86
CA GLU B 327 -34.45 -18.58 -26.24
C GLU B 327 -35.75 -18.33 -27.04
N ALA B 328 -36.57 -19.38 -27.17
CA ALA B 328 -37.82 -19.38 -27.94
C ALA B 328 -37.68 -19.04 -29.43
N THR B 329 -36.63 -19.57 -30.05
CA THR B 329 -36.51 -19.59 -31.51
C THR B 329 -36.28 -21.03 -31.93
N LYS B 330 -36.41 -21.32 -33.22
CA LYS B 330 -36.36 -22.70 -33.69
C LYS B 330 -35.07 -22.97 -34.44
N CYS B 331 -33.98 -22.38 -33.99
CA CYS B 331 -32.71 -22.66 -34.62
C CYS B 331 -31.60 -22.70 -33.60
N ILE B 332 -30.43 -23.16 -34.04
CA ILE B 332 -29.18 -22.95 -33.35
C ILE B 332 -28.29 -22.29 -34.38
N ILE B 333 -27.42 -21.41 -33.92
CA ILE B 333 -26.47 -20.77 -34.81
C ILE B 333 -25.08 -21.29 -34.53
N ILE B 334 -24.34 -21.60 -35.58
CA ILE B 334 -23.00 -22.16 -35.45
C ILE B 334 -21.97 -21.20 -36.01
N LEU B 335 -21.04 -20.79 -35.17
CA LEU B 335 -19.95 -19.91 -35.59
C LEU B 335 -18.65 -20.70 -35.67
N GLU B 336 -17.73 -20.23 -36.50
CA GLU B 336 -16.40 -20.79 -36.54
C GLU B 336 -15.39 -19.91 -35.79
N MET B 337 -14.51 -20.56 -35.04
CA MET B 337 -13.47 -19.84 -34.30
C MET B 337 -12.22 -19.76 -35.16
N SER B 338 -11.75 -18.54 -35.37
CA SER B 338 -10.61 -18.28 -36.26
C SER B 338 -9.36 -18.94 -35.74
N GLU B 339 -8.69 -19.68 -36.62
CA GLU B 339 -7.42 -20.29 -36.27
C GLU B 339 -6.29 -19.30 -36.53
N LYS B 340 -6.59 -18.27 -37.31
CA LYS B 340 -5.60 -17.26 -37.67
C LYS B 340 -5.45 -16.20 -36.58
N GLN B 341 -6.57 -15.73 -36.05
CA GLN B 341 -6.59 -14.66 -35.05
C GLN B 341 -7.53 -14.99 -33.89
N LYS B 342 -6.95 -15.36 -32.74
CA LYS B 342 -7.74 -15.87 -31.62
C LYS B 342 -8.85 -14.93 -31.19
N GLY B 343 -10.06 -15.48 -31.06
CA GLY B 343 -11.21 -14.70 -30.62
C GLY B 343 -12.10 -14.26 -31.76
N ASP B 344 -11.63 -14.40 -32.98
CA ASP B 344 -12.39 -13.94 -34.12
C ASP B 344 -13.46 -14.96 -34.48
N LEU B 345 -14.68 -14.49 -34.67
CA LEU B 345 -15.79 -15.39 -34.97
C LEU B 345 -16.42 -15.03 -36.32
N ALA B 346 -16.95 -16.05 -36.98
CA ALA B 346 -17.64 -15.86 -38.25
C ALA B 346 -18.75 -16.91 -38.36
N LEU B 347 -19.86 -16.54 -38.98
CA LEU B 347 -20.96 -17.47 -39.09
C LEU B 347 -20.56 -18.68 -39.92
N LYS B 348 -21.02 -19.85 -39.51
CA LYS B 348 -20.72 -21.07 -40.24
C LYS B 348 -22.00 -21.69 -40.76
N GLN B 349 -23.09 -21.55 -40.03
CA GLN B 349 -24.29 -22.27 -40.39
C GLN B 349 -25.42 -21.98 -39.41
N ILE B 350 -26.65 -22.04 -39.90
CA ILE B 350 -27.81 -21.96 -39.05
C ILE B 350 -28.61 -23.22 -39.31
N ILE B 351 -29.06 -23.87 -38.25
CA ILE B 351 -29.85 -25.08 -38.40
C ILE B 351 -31.22 -24.84 -37.77
N THR B 352 -32.25 -25.12 -38.56
CA THR B 352 -33.64 -24.86 -38.17
C THR B 352 -34.36 -26.16 -37.84
N PHE B 353 -35.29 -26.09 -36.90
CA PHE B 353 -35.99 -27.28 -36.43
C PHE B 353 -37.51 -27.04 -36.44
N PRO B 354 -38.29 -28.11 -36.28
CA PRO B 354 -39.75 -27.98 -36.35
C PRO B 354 -40.32 -27.28 -35.12
N TYR B 355 -39.54 -27.18 -34.06
CA TYR B 355 -39.98 -26.52 -32.84
C TYR B 355 -38.89 -25.64 -32.25
N ASN B 356 -39.23 -24.93 -31.18
CA ASN B 356 -38.25 -24.15 -30.43
C ASN B 356 -37.19 -25.05 -29.81
N VAL B 357 -35.93 -24.62 -29.90
CA VAL B 357 -34.86 -25.27 -29.15
C VAL B 357 -34.99 -24.92 -27.68
N ILE B 358 -34.93 -25.94 -26.84
CA ILE B 358 -35.11 -25.79 -25.41
C ILE B 358 -33.80 -26.08 -24.64
N SER B 359 -32.87 -26.79 -25.29
CA SER B 359 -31.57 -27.09 -24.67
C SER B 359 -30.54 -27.38 -25.76
N LEU B 360 -29.28 -27.13 -25.44
CA LEU B 360 -28.21 -27.30 -26.40
C LEU B 360 -27.04 -27.94 -25.69
N SER B 361 -26.53 -29.02 -26.25
CA SER B 361 -25.46 -29.79 -25.62
C SER B 361 -24.47 -30.25 -26.67
N ALA B 362 -23.31 -30.69 -26.21
CA ALA B 362 -22.30 -31.14 -27.13
C ALA B 362 -21.70 -32.43 -26.62
N HIS B 363 -21.47 -33.36 -27.53
CA HIS B 363 -20.73 -34.56 -27.21
C HIS B 363 -19.63 -34.74 -28.23
N ASN B 364 -18.39 -34.51 -27.80
CA ASN B 364 -17.25 -34.49 -28.70
C ASN B 364 -17.48 -33.46 -29.79
N ASP B 365 -17.66 -33.91 -31.02
CA ASP B 365 -17.87 -33.00 -32.14
C ASP B 365 -19.32 -33.00 -32.66
N GLU B 366 -20.24 -33.55 -31.89
CA GLU B 366 -21.65 -33.52 -32.27
C GLU B 366 -22.44 -32.64 -31.31
N PHE B 367 -23.45 -31.94 -31.83
CA PHE B 367 -24.38 -31.20 -30.99
C PHE B 367 -25.69 -31.97 -30.84
N GLN B 368 -26.23 -31.99 -29.62
CA GLN B 368 -27.58 -32.48 -29.40
C GLN B 368 -28.46 -31.30 -29.07
N VAL B 369 -29.71 -31.38 -29.50
CA VAL B 369 -30.66 -30.34 -29.22
C VAL B 369 -31.91 -31.00 -28.66
N THR B 370 -32.65 -30.28 -27.84
CA THR B 370 -33.89 -30.79 -27.31
C THR B 370 -34.96 -29.75 -27.65
N LEU B 371 -36.18 -30.20 -27.98
CA LEU B 371 -37.21 -29.30 -28.54
C LEU B 371 -38.50 -29.25 -27.76
N ASP B 372 -39.18 -28.12 -27.84
CA ASP B 372 -40.48 -27.97 -27.23
C ASP B 372 -41.55 -28.47 -28.20
N ASN B 373 -41.90 -29.76 -28.07
CA ASN B 373 -42.88 -30.37 -28.94
C ASN B 373 -44.20 -30.58 -28.21
N LYS B 374 -44.52 -29.68 -27.28
CA LYS B 374 -45.78 -29.71 -26.53
C LYS B 374 -46.99 -29.80 -27.45
N GLU B 375 -46.91 -29.10 -28.58
CA GLU B 375 -48.05 -28.96 -29.46
C GLU B 375 -47.82 -29.63 -30.81
N SER B 376 -47.57 -30.93 -30.79
CA SER B 376 -47.57 -31.69 -32.02
C SER B 376 -48.98 -32.26 -32.18
N SER B 377 -49.19 -33.07 -33.20
CA SER B 377 -50.50 -33.66 -33.40
C SER B 377 -50.40 -35.10 -33.86
N GLY B 378 -51.23 -35.95 -33.28
CA GLY B 378 -51.19 -37.36 -33.57
C GLY B 378 -50.04 -37.98 -32.82
N VAL B 379 -49.06 -38.50 -33.56
CA VAL B 379 -47.91 -39.09 -32.92
C VAL B 379 -46.85 -38.05 -32.60
N GLN B 380 -46.56 -37.89 -31.31
CA GLN B 380 -45.59 -36.90 -30.83
C GLN B 380 -44.17 -37.27 -31.22
N LYS B 381 -43.53 -36.40 -32.00
CA LYS B 381 -42.23 -36.73 -32.55
C LYS B 381 -41.23 -35.58 -32.25
N ASN B 382 -40.00 -35.69 -32.74
CA ASN B 382 -39.06 -34.58 -32.67
C ASN B 382 -38.72 -34.08 -31.25
N PHE B 383 -38.52 -35.00 -30.30
CA PHE B 383 -38.17 -34.61 -28.93
C PHE B 383 -36.74 -34.09 -28.85
N ALA B 384 -35.87 -34.60 -29.72
CA ALA B 384 -34.47 -34.24 -29.71
C ALA B 384 -33.88 -34.41 -31.10
N LYS B 385 -32.74 -33.77 -31.34
CA LYS B 385 -32.00 -33.96 -32.58
C LYS B 385 -30.50 -34.16 -32.32
N PHE B 386 -29.89 -35.06 -33.06
CA PHE B 386 -28.44 -35.24 -32.98
C PHE B 386 -27.84 -34.70 -34.26
N ILE B 387 -26.99 -33.68 -34.13
CA ILE B 387 -26.37 -33.02 -35.27
C ILE B 387 -24.92 -33.45 -35.34
N GLU B 388 -24.47 -33.91 -36.49
CA GLU B 388 -23.11 -34.37 -36.63
C GLU B 388 -22.42 -33.59 -37.74
N TYR B 389 -21.10 -33.49 -37.66
CA TYR B 389 -20.35 -32.78 -38.69
C TYR B 389 -19.94 -33.73 -39.82
N ASN B 390 -20.18 -33.31 -41.05
CA ASN B 390 -19.93 -34.11 -42.24
C ASN B 390 -18.71 -33.55 -42.94
N LEU B 391 -17.59 -34.26 -42.82
CA LEU B 391 -16.31 -33.75 -43.32
C LEU B 391 -16.36 -33.58 -44.82
N ASN B 392 -17.06 -34.51 -45.47
CA ASN B 392 -17.23 -34.47 -46.91
C ASN B 392 -17.92 -33.19 -47.34
N GLU B 393 -19.06 -32.91 -46.71
CA GLU B 393 -19.87 -31.76 -47.08
C GLU B 393 -19.43 -30.47 -46.40
N ASN B 394 -18.49 -30.57 -45.46
CA ASN B 394 -18.02 -29.42 -44.72
C ASN B 394 -19.20 -28.68 -44.09
N SER B 395 -20.04 -29.42 -43.39
CA SER B 395 -21.28 -28.86 -42.88
C SER B 395 -21.90 -29.73 -41.80
N PHE B 396 -22.74 -29.15 -40.96
CA PHE B 396 -23.43 -29.91 -39.92
C PHE B 396 -24.79 -30.43 -40.44
N VAL B 397 -25.12 -31.66 -40.06
CA VAL B 397 -26.33 -32.29 -40.58
C VAL B 397 -27.01 -33.11 -39.50
N VAL B 398 -28.33 -33.04 -39.45
CA VAL B 398 -29.06 -33.85 -38.48
C VAL B 398 -28.91 -35.33 -38.81
N ASN B 399 -28.76 -36.14 -37.78
CA ASN B 399 -28.75 -37.58 -37.94
C ASN B 399 -30.16 -38.07 -37.68
N ASN B 400 -30.97 -38.08 -38.74
CA ASN B 400 -32.40 -38.39 -38.66
C ASN B 400 -32.73 -39.76 -38.11
N GLU B 401 -31.98 -40.77 -38.54
CA GLU B 401 -32.21 -42.13 -38.06
C GLU B 401 -32.06 -42.20 -36.55
N LYS B 402 -30.86 -41.87 -36.07
CA LYS B 402 -30.55 -41.83 -34.64
C LYS B 402 -31.52 -40.96 -33.84
N SER B 403 -31.91 -39.82 -34.40
CA SER B 403 -32.89 -38.95 -33.76
C SER B 403 -34.26 -39.63 -33.72
N ASN B 404 -34.66 -40.18 -34.85
CA ASN B 404 -35.99 -40.77 -34.95
C ASN B 404 -36.13 -41.99 -34.06
N GLU B 405 -35.07 -42.79 -34.00
CA GLU B 405 -35.11 -43.95 -33.12
C GLU B 405 -35.18 -43.49 -31.66
N PHE B 406 -34.50 -42.38 -31.37
CA PHE B 406 -34.54 -41.82 -30.04
C PHE B 406 -35.98 -41.46 -29.69
N ASP B 407 -36.66 -40.75 -30.58
CA ASP B 407 -38.08 -40.41 -30.36
C ASP B 407 -38.86 -41.67 -30.04
N SER B 408 -38.55 -42.75 -30.76
CA SER B 408 -39.23 -44.01 -30.56
C SER B 408 -38.93 -44.56 -29.18
N ALA B 409 -37.66 -44.55 -28.82
CA ALA B 409 -37.23 -45.03 -27.50
C ALA B 409 -37.85 -44.20 -26.38
N ILE B 410 -38.07 -42.91 -26.64
CA ILE B 410 -38.64 -42.01 -25.64
C ILE B 410 -40.09 -42.37 -25.41
N ILE B 411 -40.81 -42.53 -26.52
CA ILE B 411 -42.23 -42.82 -26.45
C ILE B 411 -42.51 -44.10 -25.65
N GLN B 412 -41.72 -45.13 -25.88
CA GLN B 412 -41.95 -46.40 -25.19
C GLN B 412 -41.32 -46.50 -23.81
N SER B 413 -40.44 -45.56 -23.47
CA SER B 413 -39.81 -45.58 -22.16
C SER B 413 -40.75 -44.92 -21.15
N VAL B 414 -41.64 -44.10 -21.67
CA VAL B 414 -42.34 -43.14 -20.83
C VAL B 414 -43.82 -43.41 -20.67
N GLN B 415 -44.38 -44.20 -21.58
CA GLN B 415 -45.81 -44.47 -21.55
C GLN B 415 -46.22 -45.34 -20.37
N GLY B 416 -47.40 -45.07 -19.83
CA GLY B 416 -47.83 -45.66 -18.58
C GLY B 416 -47.75 -44.62 -17.48
N ASP B 417 -46.59 -43.98 -17.36
CA ASP B 417 -46.34 -42.95 -16.36
C ASP B 417 -47.29 -41.78 -16.54
N SER B 418 -48.22 -41.63 -15.60
CA SER B 418 -49.18 -40.54 -15.62
C SER B 418 -48.52 -39.22 -15.24
N ASN B 419 -47.31 -39.32 -14.69
CA ASN B 419 -46.54 -38.14 -14.32
C ASN B 419 -45.94 -37.47 -15.54
N LEU B 420 -45.29 -38.27 -16.37
CA LEU B 420 -44.57 -37.76 -17.54
C LEU B 420 -45.46 -37.52 -18.76
N VAL B 421 -46.51 -38.33 -18.88
CA VAL B 421 -47.51 -38.12 -19.93
C VAL B 421 -48.73 -37.50 -19.28
N THR B 422 -49.04 -36.25 -19.64
CA THR B 422 -50.05 -35.51 -18.90
C THR B 422 -50.65 -34.35 -19.70
N LYS B 423 -51.58 -33.63 -19.06
CA LYS B 423 -52.22 -32.47 -19.65
C LYS B 423 -51.18 -31.42 -20.05
N LYS B 424 -51.50 -30.64 -21.08
CA LYS B 424 -50.55 -29.69 -21.65
C LYS B 424 -50.20 -28.55 -20.69
N GLU B 425 -51.14 -28.22 -19.80
CA GLU B 425 -50.93 -27.14 -18.84
C GLU B 425 -50.18 -27.64 -17.60
N GLU B 426 -50.14 -28.96 -17.43
CA GLU B 426 -49.39 -29.58 -16.35
C GLU B 426 -47.93 -29.81 -16.76
N ILE B 427 -47.46 -29.05 -17.74
CA ILE B 427 -46.07 -29.14 -18.18
C ILE B 427 -45.26 -27.98 -17.62
N TYR B 428 -44.15 -28.29 -16.95
CA TYR B 428 -43.26 -27.28 -16.36
C TYR B 428 -42.92 -26.17 -17.35
N PRO B 429 -42.89 -24.92 -16.88
CA PRO B 429 -42.44 -23.83 -17.77
C PRO B 429 -41.06 -24.11 -18.37
N LEU B 430 -40.89 -23.81 -19.65
CA LEU B 430 -39.70 -24.24 -20.38
C LEU B 430 -38.79 -23.10 -20.83
N TYR B 431 -39.21 -21.86 -20.61
CA TYR B 431 -38.47 -20.70 -21.09
C TYR B 431 -38.09 -19.75 -19.95
N ASN B 432 -36.96 -19.99 -19.32
CA ASN B 432 -36.63 -19.31 -18.06
C ASN B 432 -35.40 -18.40 -17.99
N VAL B 433 -34.85 -17.99 -19.14
CA VAL B 433 -33.69 -17.10 -19.13
C VAL B 433 -34.08 -15.65 -19.40
N SER B 434 -35.25 -15.45 -20.02
CA SER B 434 -35.78 -14.11 -20.26
C SER B 434 -36.07 -13.35 -18.95
N SER B 435 -36.29 -14.09 -17.88
CA SER B 435 -36.63 -13.52 -16.58
C SER B 435 -35.43 -12.88 -15.87
N LEU B 436 -34.52 -12.30 -16.63
CA LEU B 436 -33.30 -11.70 -16.08
C LEU B 436 -33.05 -10.31 -16.67
N GLN C 28 36.14 2.24 0.78
CA GLN C 28 35.28 3.43 0.87
C GLN C 28 33.97 3.25 0.10
N LEU C 29 32.85 3.41 0.80
CA LEU C 29 31.53 3.24 0.23
C LEU C 29 31.17 4.29 -0.83
N GLU C 30 30.53 3.87 -1.90
CA GLU C 30 29.94 4.85 -2.82
C GLU C 30 28.41 4.88 -2.68
N TYR C 31 27.88 6.07 -2.44
CA TYR C 31 26.45 6.26 -2.32
C TYR C 31 26.02 7.64 -2.78
N PRO C 32 24.78 7.77 -3.21
CA PRO C 32 24.31 9.04 -3.78
C PRO C 32 24.10 10.13 -2.74
N VAL C 33 24.17 11.37 -3.20
CA VAL C 33 23.91 12.52 -2.37
C VAL C 33 22.42 12.56 -2.05
N SER C 34 21.61 12.17 -3.02
CA SER C 34 20.18 11.96 -2.82
C SER C 34 19.67 10.84 -3.73
N PRO C 35 18.48 10.28 -3.43
CA PRO C 35 17.97 9.23 -4.30
C PRO C 35 17.84 9.70 -5.75
N GLN C 36 17.60 10.99 -5.94
CA GLN C 36 17.36 11.50 -7.28
C GLN C 36 18.64 11.64 -8.09
N ASP C 37 19.78 11.65 -7.40
CA ASP C 37 21.08 11.73 -8.08
C ASP C 37 21.62 10.37 -8.45
N MET C 38 20.89 9.33 -8.07
CA MET C 38 21.38 7.98 -8.25
C MET C 38 21.19 7.56 -9.69
N ASP C 39 22.28 7.14 -10.32
CA ASP C 39 22.21 6.59 -11.66
C ASP C 39 22.09 5.09 -11.58
N TRP C 40 20.95 4.57 -11.99
CA TRP C 40 20.66 3.15 -11.89
C TRP C 40 20.89 2.44 -13.22
N SER C 41 21.21 3.21 -14.25
CA SER C 41 21.36 2.66 -15.59
C SER C 41 22.62 1.83 -15.79
N LYS C 42 23.52 1.83 -14.82
CA LYS C 42 24.74 1.03 -14.94
C LYS C 42 24.54 -0.37 -14.35
N LEU C 43 23.72 -0.45 -13.31
CA LEU C 43 23.44 -1.73 -12.68
C LEU C 43 22.34 -2.44 -13.46
N TYR C 44 21.43 -1.67 -14.03
CA TYR C 44 20.30 -2.22 -14.76
C TYR C 44 20.19 -1.64 -16.17
N PRO C 45 21.22 -1.88 -17.01
CA PRO C 45 21.38 -1.27 -18.33
C PRO C 45 20.25 -1.61 -19.27
N TYR C 46 19.57 -2.71 -19.02
CA TYR C 46 18.52 -3.21 -19.90
C TYR C 46 17.23 -2.41 -19.77
N TYR C 47 17.17 -1.57 -18.75
CA TYR C 47 15.97 -0.81 -18.50
C TYR C 47 16.23 0.67 -18.70
N LYS C 48 17.32 0.95 -19.40
CA LYS C 48 17.58 2.29 -19.89
C LYS C 48 16.88 2.50 -21.23
N ASN C 49 16.01 3.50 -21.29
CA ASN C 49 15.41 3.93 -22.55
C ASN C 49 16.47 4.59 -23.41
N ALA C 50 16.73 4.02 -24.58
CA ALA C 50 17.78 4.54 -25.47
C ALA C 50 17.44 5.93 -26.01
N GLU C 51 16.15 6.20 -26.15
CA GLU C 51 15.71 7.49 -26.66
C GLU C 51 15.84 8.57 -25.61
N ASN C 52 15.12 8.39 -24.50
CA ASN C 52 15.08 9.39 -23.44
C ASN C 52 16.41 9.50 -22.70
N GLY C 53 17.07 8.37 -22.56
CA GLY C 53 18.19 8.26 -21.64
C GLY C 53 17.62 8.14 -20.23
N GLN C 54 16.45 7.55 -20.14
CA GLN C 54 15.72 7.45 -18.88
C GLN C 54 15.56 6.01 -18.42
N MET C 55 15.31 5.86 -17.12
CA MET C 55 15.01 4.56 -16.54
C MET C 55 13.53 4.22 -16.76
N THR C 56 13.26 3.00 -17.22
CA THR C 56 11.89 2.56 -17.49
C THR C 56 11.31 1.87 -16.26
N LYS C 57 12.17 1.60 -15.29
CA LYS C 57 11.79 0.83 -14.12
C LYS C 57 12.61 1.31 -12.92
N LYS C 58 12.11 1.04 -11.72
CA LYS C 58 12.82 1.43 -10.51
C LYS C 58 13.03 0.24 -9.61
N VAL C 59 14.07 0.27 -8.80
CA VAL C 59 14.31 -0.80 -7.87
C VAL C 59 13.18 -0.87 -6.86
N THR C 60 12.70 -2.07 -6.60
CA THR C 60 11.44 -2.23 -5.92
C THR C 60 11.54 -3.34 -4.86
N ILE C 61 12.57 -4.15 -4.98
CA ILE C 61 12.79 -5.23 -4.05
C ILE C 61 14.23 -5.16 -3.50
N ALA C 62 14.38 -5.36 -2.21
CA ALA C 62 15.70 -5.22 -1.60
C ALA C 62 16.05 -6.40 -0.73
N ASP C 63 17.24 -6.95 -0.99
CA ASP C 63 17.76 -8.04 -0.21
C ASP C 63 18.86 -7.51 0.68
N ILE C 64 18.55 -7.36 1.97
CA ILE C 64 19.48 -6.71 2.91
C ILE C 64 20.45 -7.73 3.47
N GLY C 65 21.70 -7.62 3.06
CA GLY C 65 22.68 -8.64 3.39
C GLY C 65 22.47 -9.81 2.46
N CYS C 66 22.66 -9.57 1.18
CA CYS C 66 22.35 -10.57 0.16
C CYS C 66 23.37 -11.70 0.13
N GLY C 67 24.50 -11.50 0.80
CA GLY C 67 25.53 -12.53 0.79
C GLY C 67 25.94 -12.89 -0.61
N PHE C 68 25.96 -14.18 -0.91
CA PHE C 68 26.43 -14.62 -2.22
C PHE C 68 25.37 -14.60 -3.32
N GLY C 69 24.23 -13.99 -3.01
CA GLY C 69 23.25 -13.67 -4.03
C GLY C 69 22.25 -14.75 -4.40
N GLY C 70 22.18 -15.80 -3.61
CA GLY C 70 21.30 -16.91 -3.93
C GLY C 70 19.84 -16.51 -3.99
N LEU C 71 19.36 -15.84 -2.95
CA LEU C 71 17.97 -15.45 -2.89
C LEU C 71 17.60 -14.59 -4.10
N MET C 72 18.52 -13.69 -4.47
CA MET C 72 18.31 -12.87 -5.65
C MET C 72 18.10 -13.73 -6.88
N ILE C 73 19.02 -14.68 -7.10
CA ILE C 73 18.91 -15.58 -8.26
C ILE C 73 17.53 -16.22 -8.35
N ASP C 74 17.02 -16.72 -7.24
CA ASP C 74 15.70 -17.35 -7.20
C ASP C 74 14.55 -16.34 -7.35
N LEU C 75 14.77 -15.11 -6.92
CA LEU C 75 13.73 -14.11 -7.05
C LEU C 75 13.64 -13.62 -8.48
N SER C 76 14.76 -13.67 -9.19
CA SER C 76 14.84 -13.05 -10.50
C SER C 76 13.70 -13.43 -11.47
N PRO C 77 13.52 -14.74 -11.71
CA PRO C 77 12.50 -15.19 -12.66
C PRO C 77 11.11 -15.16 -12.07
N ALA C 78 11.02 -15.15 -10.74
CA ALA C 78 9.74 -15.06 -10.06
C ALA C 78 9.14 -13.67 -10.13
N PHE C 79 9.97 -12.65 -10.34
CA PHE C 79 9.51 -11.26 -10.37
C PHE C 79 10.12 -10.47 -11.50
N PRO C 80 9.86 -10.92 -12.74
CA PRO C 80 10.48 -10.44 -13.98
C PRO C 80 10.14 -8.98 -14.26
N GLU C 81 9.03 -8.51 -13.70
CA GLU C 81 8.63 -7.12 -13.86
C GLU C 81 9.32 -6.19 -12.84
N ASP C 82 10.02 -6.78 -11.87
CA ASP C 82 10.58 -6.03 -10.76
C ASP C 82 12.10 -5.91 -10.78
N LEU C 83 12.63 -4.73 -10.49
CA LEU C 83 14.06 -4.60 -10.25
C LEU C 83 14.39 -4.98 -8.80
N ILE C 84 15.40 -5.82 -8.64
CA ILE C 84 15.78 -6.36 -7.35
C ILE C 84 17.22 -5.99 -7.09
N LEU C 85 17.48 -5.44 -5.91
CA LEU C 85 18.83 -5.02 -5.52
C LEU C 85 19.23 -5.75 -4.25
N GLY C 86 20.45 -6.28 -4.27
CA GLY C 86 21.07 -6.83 -3.07
C GLY C 86 22.10 -5.85 -2.51
N MET C 87 22.18 -5.79 -1.19
CA MET C 87 23.19 -4.95 -0.56
C MET C 87 24.02 -5.78 0.39
N GLU C 88 25.32 -5.61 0.28
CA GLU C 88 26.26 -6.26 1.16
C GLU C 88 27.37 -5.30 1.53
N ILE C 89 27.89 -5.47 2.73
CA ILE C 89 28.97 -4.60 3.19
C ILE C 89 30.36 -5.19 2.86
N ARG C 90 30.46 -6.52 2.86
CA ARG C 90 31.70 -7.21 2.50
C ARG C 90 32.07 -7.03 1.02
N VAL C 91 33.22 -6.41 0.79
CA VAL C 91 33.78 -6.19 -0.54
C VAL C 91 34.03 -7.45 -1.39
N GLN C 92 34.65 -8.46 -0.80
CA GLN C 92 34.96 -9.68 -1.56
C GLN C 92 33.65 -10.29 -2.04
N VAL C 93 32.68 -10.33 -1.13
CA VAL C 93 31.39 -10.93 -1.43
C VAL C 93 30.66 -10.18 -2.56
N THR C 94 30.74 -8.86 -2.57
CA THR C 94 30.08 -8.09 -3.61
C THR C 94 30.74 -8.28 -4.97
N ASN C 95 32.06 -8.34 -4.99
CA ASN C 95 32.76 -8.59 -6.25
C ASN C 95 32.39 -9.94 -6.78
N TYR C 96 32.30 -10.90 -5.86
CA TYR C 96 31.91 -12.25 -6.25
C TYR C 96 30.54 -12.22 -6.90
N VAL C 97 29.60 -11.54 -6.25
CA VAL C 97 28.24 -11.47 -6.76
C VAL C 97 28.14 -10.69 -8.10
N GLU C 98 28.92 -9.64 -8.25
CA GLU C 98 28.89 -8.90 -9.52
C GLU C 98 29.25 -9.83 -10.64
N ASP C 99 30.36 -10.53 -10.46
CA ASP C 99 30.83 -11.46 -11.47
C ASP C 99 29.78 -12.54 -11.72
N ARG C 100 29.27 -13.09 -10.64
CA ARG C 100 28.23 -14.09 -10.72
C ARG C 100 27.05 -13.64 -11.60
N ILE C 101 26.48 -12.45 -11.36
CA ILE C 101 25.32 -12.06 -12.16
C ILE C 101 25.70 -11.68 -13.61
N ILE C 102 26.85 -11.06 -13.78
CA ILE C 102 27.36 -10.79 -15.13
C ILE C 102 27.38 -12.07 -15.96
N ALA C 103 27.85 -13.14 -15.34
CA ALA C 103 27.89 -14.46 -15.98
C ALA C 103 26.49 -14.94 -16.34
N LEU C 104 25.63 -15.04 -15.34
CA LEU C 104 24.22 -15.37 -15.54
C LEU C 104 23.64 -14.63 -16.74
N ARG C 105 23.97 -13.35 -16.83
CA ARG C 105 23.42 -12.51 -17.89
C ARG C 105 23.88 -12.94 -19.28
N ASN C 106 25.14 -13.35 -19.38
CA ASN C 106 25.71 -13.73 -20.67
C ASN C 106 25.46 -15.20 -21.01
N ASN C 107 25.45 -16.04 -19.98
CA ASN C 107 25.11 -17.45 -20.12
C ASN C 107 23.63 -17.66 -20.39
N THR C 108 22.94 -16.61 -20.83
CA THR C 108 21.50 -16.69 -21.01
C THR C 108 21.04 -16.51 -22.45
N ALA C 109 20.01 -17.26 -22.83
CA ALA C 109 19.40 -17.19 -24.15
C ALA C 109 18.71 -15.84 -24.40
N SER C 110 17.65 -15.59 -23.62
CA SER C 110 16.82 -14.41 -23.81
C SER C 110 17.60 -13.10 -23.70
N LYS C 111 16.97 -12.01 -24.13
CA LYS C 111 17.60 -10.70 -24.09
C LYS C 111 17.38 -10.03 -22.73
N HIS C 112 16.82 -10.78 -21.79
CA HIS C 112 16.38 -10.19 -20.54
C HIS C 112 16.73 -11.05 -19.33
N GLY C 113 17.35 -12.21 -19.57
CA GLY C 113 17.71 -13.13 -18.51
C GLY C 113 18.59 -12.51 -17.42
N PHE C 114 18.10 -12.50 -16.18
CA PHE C 114 18.80 -11.94 -15.02
C PHE C 114 19.20 -10.47 -15.16
N GLN C 115 18.47 -9.75 -15.98
CA GLN C 115 18.79 -8.38 -16.27
C GLN C 115 18.23 -7.48 -15.16
N ASN C 116 17.35 -8.07 -14.35
CA ASN C 116 16.60 -7.30 -13.36
C ASN C 116 17.19 -7.47 -11.96
N ILE C 117 18.43 -7.93 -11.89
CA ILE C 117 18.98 -8.26 -10.60
C ILE C 117 20.43 -7.78 -10.52
N ASN C 118 20.80 -7.24 -9.35
CA ASN C 118 22.16 -6.74 -9.17
C ASN C 118 22.51 -6.46 -7.71
N VAL C 119 23.77 -6.12 -7.45
CA VAL C 119 24.21 -5.90 -6.08
C VAL C 119 25.06 -4.66 -6.01
N LEU C 120 25.16 -4.08 -4.82
CA LEU C 120 26.17 -3.06 -4.57
C LEU C 120 26.69 -3.11 -3.13
N ARG C 121 27.92 -2.67 -2.95
CA ARG C 121 28.49 -2.64 -1.62
C ARG C 121 28.02 -1.37 -0.95
N GLY C 122 27.41 -1.52 0.23
CA GLY C 122 26.75 -0.41 0.88
C GLY C 122 26.30 -0.80 2.27
N ASN C 123 25.96 0.21 3.07
CA ASN C 123 25.56 0.00 4.43
C ASN C 123 24.08 0.35 4.63
N ALA C 124 23.24 -0.68 4.65
CA ALA C 124 21.80 -0.49 4.76
C ALA C 124 21.41 0.19 6.08
N MET C 125 22.22 0.00 7.10
CA MET C 125 21.96 0.57 8.41
C MET C 125 22.09 2.09 8.39
N LYS C 126 22.74 2.60 7.35
CA LYS C 126 23.08 4.01 7.27
C LYS C 126 22.55 4.74 6.04
N PHE C 127 22.66 4.13 4.86
CA PHE C 127 22.43 4.91 3.64
C PHE C 127 21.21 4.53 2.80
N LEU C 128 20.32 3.70 3.35
CA LEU C 128 19.14 3.30 2.60
C LEU C 128 18.46 4.52 1.97
N PRO C 129 18.26 5.58 2.76
CA PRO C 129 17.50 6.74 2.27
C PRO C 129 18.25 7.52 1.21
N ASN C 130 19.55 7.29 1.09
CA ASN C 130 20.28 7.86 -0.02
C ASN C 130 19.93 7.19 -1.38
N PHE C 131 19.58 5.92 -1.32
CA PHE C 131 19.33 5.15 -2.54
C PHE C 131 17.85 5.14 -2.90
N PHE C 132 16.99 5.06 -1.90
CA PHE C 132 15.56 4.87 -2.13
C PHE C 132 14.68 6.03 -1.69
N GLU C 133 13.80 6.48 -2.59
CA GLU C 133 12.76 7.44 -2.23
C GLU C 133 11.80 6.91 -1.17
N LYS C 134 11.01 7.81 -0.59
CA LYS C 134 10.03 7.42 0.43
C LYS C 134 8.98 6.50 -0.20
N GLY C 135 8.64 5.42 0.50
CA GLY C 135 7.74 4.39 0.00
C GLY C 135 8.11 3.73 -1.32
N GLN C 136 9.39 3.74 -1.68
CA GLN C 136 9.81 3.16 -2.97
C GLN C 136 9.74 1.63 -3.04
N LEU C 137 10.12 0.94 -1.97
CA LEU C 137 10.23 -0.51 -2.05
C LEU C 137 8.93 -1.19 -1.72
N SER C 138 8.73 -2.38 -2.29
CA SER C 138 7.56 -3.19 -2.00
C SER C 138 7.93 -4.30 -1.04
N LYS C 139 9.16 -4.78 -1.15
CA LYS C 139 9.60 -5.89 -0.35
C LYS C 139 11.00 -5.65 0.18
N MET C 140 11.21 -6.11 1.42
CA MET C 140 12.55 -6.15 1.99
C MET C 140 12.80 -7.50 2.63
N PHE C 141 13.94 -8.09 2.26
CA PHE C 141 14.31 -9.40 2.77
C PHE C 141 15.51 -9.35 3.71
N PHE C 142 15.36 -10.04 4.83
CA PHE C 142 16.45 -10.23 5.77
C PHE C 142 16.50 -11.72 6.00
N CYS C 143 17.28 -12.43 5.20
CA CYS C 143 17.33 -13.88 5.29
C CYS C 143 18.66 -14.39 5.78
N PHE C 144 18.60 -15.12 6.89
CA PHE C 144 19.77 -15.55 7.64
C PHE C 144 20.72 -14.39 7.89
N PRO C 145 20.22 -13.36 8.60
CA PRO C 145 21.06 -12.27 9.08
C PRO C 145 22.07 -12.83 10.06
N ASP C 146 23.26 -12.25 10.08
CA ASP C 146 24.29 -12.64 11.04
C ASP C 146 23.87 -12.34 12.47
N PRO C 147 23.88 -13.37 13.34
CA PRO C 147 23.79 -13.11 14.78
C PRO C 147 24.84 -12.07 15.15
N ARG C 157 23.08 -6.34 14.71
CA ARG C 157 21.66 -6.03 14.57
C ARG C 157 21.32 -5.08 13.41
N ILE C 158 20.81 -5.62 12.32
CA ILE C 158 20.21 -4.79 11.28
C ILE C 158 18.74 -4.60 11.58
N ILE C 159 18.26 -5.32 12.60
CA ILE C 159 16.90 -5.10 13.08
C ILE C 159 16.93 -4.46 14.46
N THR C 160 16.40 -3.25 14.55
CA THR C 160 16.39 -2.49 15.78
C THR C 160 15.13 -1.60 15.80
N ASN C 161 14.59 -1.36 16.99
CA ASN C 161 13.41 -0.50 17.14
C ASN C 161 13.66 0.82 16.44
N THR C 162 14.92 1.23 16.46
CA THR C 162 15.36 2.52 15.96
C THR C 162 15.57 2.48 14.43
N LEU C 163 16.21 1.42 13.95
CA LEU C 163 16.38 1.20 12.51
C LEU C 163 15.05 0.94 11.76
N LEU C 164 14.08 0.36 12.45
CA LEU C 164 12.80 0.04 11.82
C LEU C 164 12.08 1.27 11.26
N SER C 165 12.28 2.42 11.90
CA SER C 165 11.64 3.65 11.45
C SER C 165 12.16 4.11 10.10
N GLU C 166 13.44 3.84 9.85
CA GLU C 166 14.05 4.19 8.58
C GLU C 166 13.61 3.20 7.50
N TYR C 167 13.51 1.93 7.86
CA TYR C 167 13.01 0.94 6.91
C TYR C 167 11.55 1.28 6.55
N ALA C 168 10.76 1.62 7.55
CA ALA C 168 9.38 2.02 7.31
C ALA C 168 9.33 3.14 6.28
N TYR C 169 10.30 4.03 6.34
CA TYR C 169 10.35 5.17 5.43
C TYR C 169 10.47 4.75 3.95
N VAL C 170 11.38 3.83 3.63
CA VAL C 170 11.60 3.44 2.24
C VAL C 170 10.65 2.36 1.73
N LEU C 171 9.99 1.66 2.66
CA LEU C 171 9.02 0.60 2.36
C LEU C 171 7.62 1.20 2.27
N LYS C 172 6.97 1.04 1.13
CA LYS C 172 5.62 1.57 0.92
C LYS C 172 4.63 1.02 1.92
N GLU C 173 3.54 1.75 2.14
CA GLU C 173 2.38 1.16 2.85
C GLU C 173 1.88 -0.08 2.08
N GLY C 174 1.76 -1.19 2.80
CA GLY C 174 1.36 -2.45 2.21
C GLY C 174 2.54 -3.30 1.80
N GLY C 175 3.73 -2.71 1.78
CA GLY C 175 4.96 -3.44 1.48
C GLY C 175 5.21 -4.48 2.56
N VAL C 176 6.12 -5.43 2.31
CA VAL C 176 6.40 -6.40 3.36
C VAL C 176 7.88 -6.69 3.67
N VAL C 177 8.09 -7.01 4.94
CA VAL C 177 9.38 -7.39 5.45
C VAL C 177 9.36 -8.88 5.66
N TYR C 178 10.32 -9.55 5.02
CA TYR C 178 10.43 -11.00 5.03
C TYR C 178 11.66 -11.40 5.82
N THR C 179 11.49 -12.45 6.61
CA THR C 179 12.43 -12.80 7.64
C THR C 179 12.55 -14.31 7.72
N ILE C 180 13.77 -14.82 7.55
CA ILE C 180 14.05 -16.23 7.82
C ILE C 180 15.42 -16.45 8.45
N THR C 181 15.47 -17.26 9.49
CA THR C 181 16.73 -17.58 10.16
C THR C 181 16.67 -18.98 10.74
N ASP C 182 17.83 -19.57 10.99
CA ASP C 182 17.87 -20.85 11.69
C ASP C 182 18.15 -20.68 13.19
N VAL C 183 18.40 -19.46 13.64
CA VAL C 183 18.65 -19.20 15.05
C VAL C 183 17.38 -18.76 15.77
N LYS C 184 16.85 -19.64 16.60
CA LYS C 184 15.64 -19.33 17.37
C LYS C 184 15.72 -17.97 18.10
N ASP C 185 16.84 -17.71 18.77
CA ASP C 185 17.00 -16.45 19.49
C ASP C 185 16.93 -15.27 18.53
N LEU C 186 17.60 -15.39 17.40
CA LEU C 186 17.60 -14.34 16.39
C LEU C 186 16.19 -14.09 15.85
N HIS C 187 15.46 -15.18 15.64
CA HIS C 187 14.10 -15.12 15.16
C HIS C 187 13.22 -14.38 16.15
N GLU C 188 13.38 -14.69 17.44
CA GLU C 188 12.55 -14.06 18.45
C GLU C 188 12.90 -12.58 18.66
N TRP C 189 14.18 -12.25 18.45
CA TRP C 189 14.63 -10.87 18.49
C TRP C 189 13.94 -10.08 17.39
N MET C 190 14.15 -10.51 16.14
CA MET C 190 13.47 -9.89 15.00
C MET C 190 11.97 -9.73 15.21
N VAL C 191 11.32 -10.80 15.65
CA VAL C 191 9.88 -10.76 15.89
C VAL C 191 9.48 -9.70 16.92
N LYS C 192 10.19 -9.61 18.04
CA LYS C 192 9.80 -8.68 19.10
C LYS C 192 9.84 -7.23 18.67
N HIS C 193 10.88 -6.85 17.93
CA HIS C 193 11.02 -5.46 17.49
C HIS C 193 10.06 -5.09 16.36
N LEU C 194 9.93 -5.97 15.39
CA LEU C 194 8.93 -5.78 14.34
C LEU C 194 7.54 -5.62 14.93
N GLU C 195 7.20 -6.45 15.91
CA GLU C 195 5.83 -6.44 16.40
C GLU C 195 5.58 -5.25 17.32
N GLU C 196 6.63 -4.74 17.93
CA GLU C 196 6.49 -3.62 18.84
C GLU C 196 6.44 -2.29 18.10
N HIS C 197 7.11 -2.20 16.97
CA HIS C 197 7.09 -0.98 16.17
C HIS C 197 5.69 -0.70 15.59
N PRO C 198 5.17 0.51 15.81
CA PRO C 198 3.78 0.83 15.44
C PRO C 198 3.51 0.71 13.94
N LEU C 199 4.56 0.68 13.13
CA LEU C 199 4.41 0.67 11.68
C LEU C 199 4.53 -0.72 11.06
N PHE C 200 4.58 -1.75 11.91
CA PHE C 200 4.68 -3.12 11.42
C PHE C 200 3.71 -4.10 12.09
N GLU C 201 3.15 -5.02 11.31
CA GLU C 201 2.19 -5.98 11.83
C GLU C 201 2.50 -7.38 11.30
N ARG C 202 2.57 -8.38 12.17
CA ARG C 202 2.86 -9.72 11.64
C ARG C 202 1.75 -10.31 10.78
N LEU C 203 2.17 -10.96 9.70
CA LEU C 203 1.27 -11.67 8.83
C LEU C 203 1.11 -13.09 9.36
N SER C 204 -0.07 -13.67 9.13
CA SER C 204 -0.43 -14.96 9.71
C SER C 204 0.25 -16.12 9.02
N LYS C 205 0.26 -17.26 9.68
CA LYS C 205 0.84 -18.46 9.09
C LYS C 205 0.09 -18.85 7.82
N GLU C 206 -1.22 -18.60 7.82
CA GLU C 206 -2.06 -18.84 6.64
C GLU C 206 -1.57 -18.00 5.45
N TRP C 207 -1.28 -16.73 5.74
CA TRP C 207 -0.72 -15.82 4.74
C TRP C 207 0.60 -16.36 4.18
N GLU C 208 1.49 -16.84 5.07
CA GLU C 208 2.81 -17.33 4.65
C GLU C 208 2.71 -18.56 3.74
N GLU C 209 1.79 -19.45 4.07
CA GLU C 209 1.58 -20.68 3.30
C GLU C 209 1.11 -20.43 1.87
N ASN C 210 0.54 -19.26 1.64
CA ASN C 210 0.07 -18.92 0.31
C ASN C 210 1.03 -18.01 -0.43
N ASP C 211 2.12 -17.62 0.22
CA ASP C 211 3.01 -16.64 -0.38
C ASP C 211 4.22 -17.27 -1.06
N GLU C 212 4.46 -16.87 -2.30
CA GLU C 212 5.55 -17.39 -3.11
C GLU C 212 6.90 -17.00 -2.53
N CYS C 213 6.99 -15.77 -2.05
CA CYS C 213 8.24 -15.30 -1.48
C CYS C 213 8.66 -16.16 -0.31
N VAL C 214 7.70 -16.60 0.48
CA VAL C 214 8.04 -17.45 1.62
C VAL C 214 8.58 -18.79 1.15
N LYS C 215 7.97 -19.36 0.11
CA LYS C 215 8.48 -20.61 -0.48
C LYS C 215 9.91 -20.47 -0.95
N ILE C 216 10.16 -19.47 -1.80
CA ILE C 216 11.51 -19.17 -2.29
C ILE C 216 12.50 -18.95 -1.13
N MET C 217 12.06 -18.28 -0.08
CA MET C 217 12.90 -18.11 1.12
C MET C 217 13.25 -19.45 1.74
N ARG C 218 12.22 -20.27 1.98
CA ARG C 218 12.43 -21.55 2.63
C ARG C 218 13.28 -22.49 1.79
N ASN C 219 13.40 -22.22 0.50
CA ASN C 219 14.20 -23.08 -0.40
C ASN C 219 15.51 -22.48 -0.90
N ALA C 220 16.05 -21.49 -0.18
CA ALA C 220 17.33 -20.91 -0.57
C ALA C 220 18.46 -21.44 0.30
N THR C 221 19.53 -21.89 -0.35
CA THR C 221 20.70 -22.47 0.33
C THR C 221 20.94 -21.87 1.70
N ASP C 233 15.71 -26.47 9.58
CA ASP C 233 15.50 -25.76 10.84
C ASP C 233 15.34 -24.28 10.49
N LYS C 234 14.14 -23.88 10.08
CA LYS C 234 13.93 -22.57 9.46
C LYS C 234 12.78 -21.79 10.07
N PHE C 235 13.10 -20.78 10.86
CA PHE C 235 12.06 -19.94 11.44
C PHE C 235 11.76 -18.74 10.56
N VAL C 236 10.48 -18.55 10.26
CA VAL C 236 10.03 -17.50 9.36
C VAL C 236 9.10 -16.50 10.04
N ALA C 237 9.26 -15.23 9.72
CA ALA C 237 8.28 -14.23 10.12
C ALA C 237 8.19 -13.17 9.04
N CYS C 238 6.97 -12.72 8.78
CA CYS C 238 6.74 -11.68 7.77
C CYS C 238 5.92 -10.57 8.36
N PHE C 239 6.14 -9.36 7.86
CA PHE C 239 5.45 -8.20 8.42
C PHE C 239 4.98 -7.24 7.33
N THR C 240 3.77 -6.71 7.50
CA THR C 240 3.26 -5.67 6.63
C THR C 240 3.65 -4.30 7.16
N ARG C 241 4.08 -3.45 6.25
CA ARG C 241 4.29 -2.07 6.56
C ARG C 241 2.95 -1.35 6.62
N LEU C 242 2.42 -1.20 7.84
CA LEU C 242 1.14 -0.52 8.06
C LEU C 242 1.15 0.89 7.52
N PRO C 243 -0.03 1.38 7.10
CA PRO C 243 -0.20 2.75 6.63
C PRO C 243 0.16 3.70 7.76
N THR C 244 0.75 4.83 7.41
CA THR C 244 1.05 5.82 8.44
C THR C 244 -0.19 6.59 8.88
N PRO C 245 -0.41 6.73 10.19
CA PRO C 245 -1.54 7.50 10.70
C PRO C 245 -1.44 8.92 10.17
N ALA C 246 -2.54 9.46 9.65
CA ALA C 246 -2.51 10.76 8.99
C ALA C 246 -2.38 11.91 10.01
N ILE C 247 -1.25 12.60 9.98
CA ILE C 247 -1.05 13.77 10.82
C ILE C 247 -1.16 15.06 9.99
N LEU C 248 -2.38 15.33 9.51
CA LEU C 248 -2.66 16.54 8.76
C LEU C 248 -2.92 17.71 9.73
N GLN D 28 -33.15 4.64 -12.66
CA GLN D 28 -32.20 3.76 -13.31
C GLN D 28 -30.76 4.24 -13.13
N LEU D 29 -29.93 3.37 -12.58
CA LEU D 29 -28.52 3.68 -12.32
C LEU D 29 -27.71 3.88 -13.59
N GLU D 30 -26.82 4.86 -13.58
CA GLU D 30 -25.83 4.98 -14.64
C GLU D 30 -24.45 4.59 -14.12
N TYR D 31 -23.84 3.61 -14.77
CA TYR D 31 -22.50 3.17 -14.44
C TYR D 31 -21.76 2.75 -15.68
N PRO D 32 -20.42 2.80 -15.65
CA PRO D 32 -19.61 2.49 -16.82
C PRO D 32 -19.62 0.99 -17.16
N VAL D 33 -19.37 0.70 -18.43
CA VAL D 33 -19.13 -0.66 -18.89
C VAL D 33 -17.83 -1.23 -18.30
N SER D 34 -16.81 -0.38 -18.19
CA SER D 34 -15.57 -0.70 -17.51
C SER D 34 -14.97 0.57 -16.87
N PRO D 35 -14.06 0.40 -15.91
CA PRO D 35 -13.45 1.59 -15.30
C PRO D 35 -12.80 2.49 -16.34
N GLN D 36 -12.33 1.89 -17.43
CA GLN D 36 -11.60 2.65 -18.44
C GLN D 36 -12.51 3.49 -19.29
N ASP D 37 -13.79 3.15 -19.31
CA ASP D 37 -14.77 3.90 -20.10
C ASP D 37 -15.39 5.03 -19.31
N MET D 38 -15.02 5.13 -18.04
CA MET D 38 -15.61 6.13 -17.17
C MET D 38 -15.03 7.50 -17.48
N ASP D 39 -15.90 8.46 -17.72
CA ASP D 39 -15.49 9.85 -17.91
C ASP D 39 -15.64 10.59 -16.59
N TRP D 40 -14.51 10.99 -16.02
CA TRP D 40 -14.51 11.61 -14.71
C TRP D 40 -14.45 13.12 -14.83
N SER D 41 -14.25 13.60 -16.05
CA SER D 41 -14.06 15.02 -16.29
C SER D 41 -15.31 15.88 -16.09
N LYS D 42 -16.47 15.24 -15.89
CA LYS D 42 -17.68 16.01 -15.66
C LYS D 42 -17.92 16.24 -14.19
N LEU D 43 -17.50 15.27 -13.37
CA LEU D 43 -17.63 15.40 -11.93
C LEU D 43 -16.49 16.24 -11.38
N TYR D 44 -15.33 16.11 -12.01
CA TYR D 44 -14.11 16.80 -11.56
C TYR D 44 -13.48 17.59 -12.69
N PRO D 45 -14.20 18.63 -13.17
CA PRO D 45 -13.83 19.40 -14.37
C PRO D 45 -12.53 20.15 -14.18
N TYR D 46 -12.16 20.42 -12.94
CA TYR D 46 -10.96 21.20 -12.64
C TYR D 46 -9.68 20.43 -12.83
N TYR D 47 -9.81 19.13 -13.03
CA TYR D 47 -8.66 18.27 -13.16
C TYR D 47 -8.58 17.69 -14.55
N LYS D 48 -9.30 18.34 -15.47
CA LYS D 48 -9.20 18.03 -16.88
C LYS D 48 -8.09 18.88 -17.47
N ASN D 49 -7.10 18.23 -18.07
CA ASN D 49 -6.08 18.92 -18.84
C ASN D 49 -6.69 19.46 -20.12
N ALA D 50 -6.67 20.79 -20.29
CA ALA D 50 -7.28 21.42 -21.45
C ALA D 50 -6.56 21.04 -22.75
N GLU D 51 -5.26 20.77 -22.66
CA GLU D 51 -4.47 20.41 -23.83
C GLU D 51 -4.74 18.98 -24.27
N ASN D 52 -4.45 18.03 -23.38
CA ASN D 52 -4.61 16.62 -23.67
C ASN D 52 -6.05 16.21 -23.81
N GLY D 53 -6.91 16.84 -23.01
CA GLY D 53 -8.26 16.36 -22.81
C GLY D 53 -8.20 15.16 -21.88
N GLN D 54 -7.22 15.19 -20.99
CA GLN D 54 -6.95 14.07 -20.09
C GLN D 54 -7.18 14.42 -18.63
N MET D 55 -7.39 13.40 -17.82
CA MET D 55 -7.52 13.58 -16.37
C MET D 55 -6.12 13.66 -15.76
N THR D 56 -5.91 14.64 -14.88
CA THR D 56 -4.63 14.85 -14.22
C THR D 56 -4.56 14.10 -12.90
N LYS D 57 -5.72 13.60 -12.47
CA LYS D 57 -5.86 13.01 -11.15
C LYS D 57 -6.95 11.92 -11.23
N LYS D 58 -6.93 11.01 -10.26
CA LYS D 58 -7.91 9.95 -10.24
C LYS D 58 -8.59 9.91 -8.88
N VAL D 59 -9.84 9.45 -8.85
CA VAL D 59 -10.53 9.29 -7.59
C VAL D 59 -9.79 8.29 -6.72
N THR D 60 -9.61 8.65 -5.46
CA THR D 60 -8.69 7.92 -4.62
C THR D 60 -9.29 7.66 -3.23
N ILE D 61 -10.33 8.40 -2.91
CA ILE D 61 -11.01 8.23 -1.64
C ILE D 61 -12.49 8.02 -1.91
N ALA D 62 -13.11 7.12 -1.16
CA ALA D 62 -14.52 6.81 -1.41
C ALA D 62 -15.31 6.78 -0.13
N ASP D 63 -16.43 7.49 -0.15
CA ASP D 63 -17.32 7.55 0.97
C ASP D 63 -18.55 6.73 0.62
N ILE D 64 -18.67 5.55 1.21
CA ILE D 64 -19.73 4.62 0.81
C ILE D 64 -20.99 4.88 1.61
N GLY D 65 -22.04 5.36 0.93
CA GLY D 65 -23.22 5.85 1.64
C GLY D 65 -22.92 7.21 2.24
N CYS D 66 -22.60 8.18 1.38
CA CYS D 66 -22.15 9.48 1.82
C CYS D 66 -23.28 10.32 2.42
N GLY D 67 -24.52 9.88 2.24
CA GLY D 67 -25.65 10.63 2.74
C GLY D 67 -25.63 12.07 2.25
N PHE D 68 -25.79 13.02 3.18
CA PHE D 68 -25.86 14.41 2.78
C PHE D 68 -24.52 15.07 2.54
N GLY D 69 -23.45 14.28 2.53
CA GLY D 69 -22.15 14.77 2.11
C GLY D 69 -21.27 15.46 3.13
N GLY D 70 -21.61 15.34 4.41
CA GLY D 70 -20.89 16.05 5.46
C GLY D 70 -19.43 15.65 5.52
N LEU D 71 -19.19 14.35 5.65
CA LEU D 71 -17.84 13.83 5.74
C LEU D 71 -17.01 14.27 4.56
N MET D 72 -17.62 14.28 3.38
CA MET D 72 -16.89 14.75 2.21
C MET D 72 -16.45 16.19 2.38
N ILE D 73 -17.37 17.06 2.78
CA ILE D 73 -17.06 18.47 2.98
C ILE D 73 -15.84 18.65 3.88
N ASP D 74 -15.79 17.90 4.97
CA ASP D 74 -14.68 17.95 5.93
C ASP D 74 -13.39 17.32 5.39
N LEU D 75 -13.51 16.35 4.51
CA LEU D 75 -12.34 15.71 3.96
C LEU D 75 -11.73 16.63 2.92
N SER D 76 -12.56 17.42 2.26
CA SER D 76 -12.11 18.18 1.08
C SER D 76 -10.80 18.96 1.29
N PRO D 77 -10.76 19.83 2.31
CA PRO D 77 -9.59 20.67 2.54
C PRO D 77 -8.47 19.91 3.25
N ALA D 78 -8.81 18.82 3.92
CA ALA D 78 -7.80 17.98 4.54
C ALA D 78 -7.02 17.15 3.52
N PHE D 79 -7.60 16.93 2.34
CA PHE D 79 -6.92 16.12 1.31
C PHE D 79 -7.01 16.74 -0.08
N PRO D 80 -6.45 17.94 -0.22
CA PRO D 80 -6.54 18.80 -1.40
C PRO D 80 -5.89 18.17 -2.62
N GLU D 81 -4.95 17.26 -2.40
CA GLU D 81 -4.30 16.55 -3.51
C GLU D 81 -5.13 15.34 -4.00
N ASP D 82 -6.19 15.01 -3.28
CA ASP D 82 -6.94 13.78 -3.52
C ASP D 82 -8.34 14.01 -4.08
N LEU D 83 -8.72 13.21 -5.06
CA LEU D 83 -10.10 13.24 -5.52
C LEU D 83 -10.92 12.34 -4.61
N ILE D 84 -12.07 12.85 -4.17
CA ILE D 84 -12.93 12.15 -3.22
C ILE D 84 -14.31 11.99 -3.85
N LEU D 85 -14.83 10.77 -3.83
CA LEU D 85 -16.15 10.48 -4.40
C LEU D 85 -17.06 9.91 -3.32
N GLY D 86 -18.29 10.42 -3.28
CA GLY D 86 -19.31 9.89 -2.41
C GLY D 86 -20.31 9.10 -3.24
N MET D 87 -20.79 7.99 -2.70
CA MET D 87 -21.81 7.23 -3.41
C MET D 87 -23.01 7.06 -2.52
N GLU D 88 -24.17 7.29 -3.11
CA GLU D 88 -25.44 7.11 -2.43
C GLU D 88 -26.46 6.51 -3.38
N ILE D 89 -27.35 5.70 -2.83
CA ILE D 89 -28.34 5.05 -3.65
C ILE D 89 -29.62 5.90 -3.73
N ARG D 90 -29.92 6.64 -2.67
CA ARG D 90 -31.08 7.54 -2.65
C ARG D 90 -30.94 8.72 -3.62
N VAL D 91 -31.88 8.82 -4.55
CA VAL D 91 -31.84 9.87 -5.57
C VAL D 91 -32.08 11.29 -5.05
N GLN D 92 -33.00 11.47 -4.11
CA GLN D 92 -33.23 12.80 -3.55
C GLN D 92 -31.97 13.30 -2.86
N VAL D 93 -31.35 12.40 -2.10
CA VAL D 93 -30.15 12.74 -1.36
C VAL D 93 -29.00 13.12 -2.30
N THR D 94 -28.85 12.42 -3.42
CA THR D 94 -27.76 12.73 -4.34
C THR D 94 -27.97 14.07 -5.03
N ASN D 95 -29.22 14.37 -5.40
CA ASN D 95 -29.52 15.65 -6.02
C ASN D 95 -29.24 16.78 -5.04
N TYR D 96 -29.64 16.56 -3.79
CA TYR D 96 -29.30 17.48 -2.75
C TYR D 96 -27.80 17.72 -2.69
N VAL D 97 -27.02 16.64 -2.66
CA VAL D 97 -25.58 16.78 -2.53
C VAL D 97 -24.94 17.42 -3.78
N GLU D 98 -25.45 17.12 -4.96
CA GLU D 98 -24.91 17.74 -6.16
C GLU D 98 -25.03 19.25 -6.05
N ASP D 99 -26.23 19.71 -5.73
CA ASP D 99 -26.48 21.13 -5.59
C ASP D 99 -25.60 21.71 -4.50
N ARG D 100 -25.59 21.05 -3.35
CA ARG D 100 -24.71 21.44 -2.26
C ARG D 100 -23.26 21.68 -2.70
N ILE D 101 -22.62 20.74 -3.40
CA ILE D 101 -21.21 20.96 -3.72
C ILE D 101 -21.03 21.98 -4.85
N ILE D 102 -21.96 22.01 -5.80
CA ILE D 102 -21.94 23.08 -6.81
C ILE D 102 -21.89 24.46 -6.14
N ALA D 103 -22.74 24.65 -5.13
CA ALA D 103 -22.77 25.88 -4.35
C ALA D 103 -21.40 26.16 -3.70
N LEU D 104 -20.94 25.22 -2.88
CA LEU D 104 -19.62 25.32 -2.27
C LEU D 104 -18.57 25.74 -3.28
N ARG D 105 -18.66 25.22 -4.49
CA ARG D 105 -17.69 25.53 -5.52
C ARG D 105 -17.74 26.99 -5.99
N ASN D 106 -18.94 27.55 -6.06
CA ASN D 106 -19.09 28.91 -6.53
C ASN D 106 -19.00 29.93 -5.41
N ASN D 107 -19.46 29.52 -4.23
CA ASN D 107 -19.35 30.31 -3.00
C ASN D 107 -17.90 30.41 -2.52
N THR D 108 -16.95 30.08 -3.38
CA THR D 108 -15.55 30.00 -2.98
C THR D 108 -14.63 31.00 -3.68
N ALA D 109 -13.68 31.53 -2.91
CA ALA D 109 -12.68 32.46 -3.41
C ALA D 109 -11.73 31.81 -4.42
N SER D 110 -10.95 30.85 -3.94
CA SER D 110 -9.92 30.20 -4.75
C SER D 110 -10.48 29.54 -6.01
N LYS D 111 -9.59 29.17 -6.91
CA LYS D 111 -9.97 28.53 -8.18
C LYS D 111 -10.06 27.03 -8.02
N HIS D 112 -9.98 26.55 -6.78
CA HIS D 112 -9.89 25.13 -6.53
C HIS D 112 -10.75 24.68 -5.36
N GLY D 113 -11.41 25.61 -4.69
CA GLY D 113 -12.25 25.30 -3.54
C GLY D 113 -13.30 24.24 -3.81
N PHE D 114 -13.24 23.14 -3.07
CA PHE D 114 -14.19 22.02 -3.18
C PHE D 114 -14.29 21.40 -4.58
N GLN D 115 -13.24 21.59 -5.36
CA GLN D 115 -13.20 21.14 -6.72
C GLN D 115 -12.86 19.64 -6.77
N ASN D 116 -12.45 19.09 -5.63
CA ASN D 116 -11.92 17.74 -5.57
C ASN D 116 -12.94 16.79 -4.94
N ILE D 117 -14.18 17.22 -4.88
CA ILE D 117 -15.17 16.44 -4.17
C ILE D 117 -16.48 16.38 -4.96
N ASN D 118 -17.12 15.21 -4.99
CA ASN D 118 -18.37 15.03 -5.73
C ASN D 118 -19.12 13.74 -5.38
N VAL D 119 -20.32 13.59 -5.92
CA VAL D 119 -21.15 12.44 -5.58
C VAL D 119 -21.76 11.85 -6.83
N LEU D 120 -22.15 10.59 -6.75
CA LEU D 120 -23.00 10.02 -7.78
C LEU D 120 -23.95 8.98 -7.21
N ARG D 121 -25.07 8.80 -7.87
CA ARG D 121 -26.02 7.81 -7.41
C ARG D 121 -25.57 6.48 -7.98
N GLY D 122 -25.37 5.50 -7.11
CA GLY D 122 -24.90 4.20 -7.55
C GLY D 122 -24.99 3.21 -6.42
N ASN D 123 -24.75 1.95 -6.76
CA ASN D 123 -24.84 0.87 -5.81
C ASN D 123 -23.46 0.24 -5.56
N ALA D 124 -22.82 0.62 -4.45
CA ALA D 124 -21.48 0.16 -4.13
C ALA D 124 -21.43 -1.35 -3.94
N MET D 125 -22.55 -1.92 -3.53
CA MET D 125 -22.63 -3.35 -3.30
C MET D 125 -22.48 -4.13 -4.61
N LYS D 126 -22.69 -3.44 -5.73
CA LYS D 126 -22.75 -4.08 -7.03
C LYS D 126 -21.76 -3.56 -8.05
N PHE D 127 -21.60 -2.25 -8.13
CA PHE D 127 -20.86 -1.69 -9.28
C PHE D 127 -19.52 -1.03 -8.98
N LEU D 128 -19.00 -1.22 -7.77
CA LEU D 128 -17.72 -0.62 -7.44
C LEU D 128 -16.66 -0.90 -8.50
N PRO D 129 -16.58 -2.14 -9.00
CA PRO D 129 -15.55 -2.52 -9.96
C PRO D 129 -15.77 -1.91 -11.34
N ASN D 130 -16.97 -1.43 -11.58
CA ASN D 130 -17.23 -0.73 -12.83
C ASN D 130 -16.61 0.67 -12.81
N PHE D 131 -16.52 1.25 -11.62
CA PHE D 131 -15.96 2.60 -11.48
C PHE D 131 -14.46 2.63 -11.19
N PHE D 132 -13.97 1.69 -10.41
CA PHE D 132 -12.59 1.74 -9.91
C PHE D 132 -11.72 0.56 -10.36
N GLU D 133 -10.57 0.87 -10.94
CA GLU D 133 -9.56 -0.14 -11.25
C GLU D 133 -9.09 -0.89 -10.00
N LYS D 134 -8.42 -2.01 -10.22
CA LYS D 134 -7.86 -2.80 -9.11
C LYS D 134 -6.84 -1.96 -8.35
N GLY D 135 -6.94 -1.98 -7.02
CA GLY D 135 -6.05 -1.22 -6.16
C GLY D 135 -6.07 0.28 -6.35
N GLN D 136 -7.14 0.82 -6.93
CA GLN D 136 -7.21 2.26 -7.17
C GLN D 136 -7.39 3.14 -5.91
N LEU D 137 -8.20 2.72 -4.95
CA LEU D 137 -8.50 3.59 -3.81
C LEU D 137 -7.51 3.43 -2.67
N SER D 138 -7.33 4.52 -1.91
CA SER D 138 -6.45 4.52 -0.74
C SER D 138 -7.27 4.42 0.53
N LYS D 139 -8.47 4.97 0.48
CA LYS D 139 -9.33 5.00 1.65
C LYS D 139 -10.77 4.71 1.29
N MET D 140 -11.43 4.00 2.20
CA MET D 140 -12.87 3.77 2.06
C MET D 140 -13.55 4.04 3.40
N PHE D 141 -14.59 4.86 3.35
CA PHE D 141 -15.29 5.23 4.57
C PHE D 141 -16.67 4.63 4.59
N PHE D 142 -17.01 4.07 5.74
CA PHE D 142 -18.38 3.62 6.00
C PHE D 142 -18.75 4.26 7.33
N CYS D 143 -19.34 5.46 7.29
CA CYS D 143 -19.64 6.16 8.53
C CYS D 143 -21.13 6.24 8.77
N PHE D 144 -21.54 5.74 9.93
CA PHE D 144 -22.94 5.58 10.28
C PHE D 144 -23.70 4.92 9.17
N PRO D 145 -23.31 3.69 8.83
CA PRO D 145 -24.07 2.86 7.88
C PRO D 145 -25.42 2.54 8.49
N ASP D 146 -26.44 2.43 7.66
CA ASP D 146 -27.77 2.06 8.13
C ASP D 146 -27.81 0.65 8.69
N PRO D 147 -28.28 0.52 9.95
CA PRO D 147 -28.58 -0.82 10.44
C PRO D 147 -29.51 -1.49 9.44
N ARG D 157 -26.79 -4.56 5.05
CA ARG D 157 -25.37 -4.89 5.17
C ARG D 157 -24.53 -4.51 3.95
N ILE D 158 -23.78 -3.42 4.04
CA ILE D 158 -22.77 -3.13 3.03
C ILE D 158 -21.48 -3.77 3.46
N ILE D 159 -21.45 -4.29 4.68
CA ILE D 159 -20.29 -5.06 5.14
C ILE D 159 -20.65 -6.53 5.30
N THR D 160 -19.98 -7.35 4.50
CA THR D 160 -20.23 -8.78 4.45
C THR D 160 -18.92 -9.54 4.12
N ASN D 161 -18.77 -10.75 4.64
CA ASN D 161 -17.57 -11.55 4.35
C ASN D 161 -17.38 -11.66 2.85
N THR D 162 -18.49 -11.64 2.15
CA THR D 162 -18.53 -11.86 0.73
C THR D 162 -18.24 -10.56 -0.04
N LEU D 163 -18.88 -9.45 0.37
CA LEU D 163 -18.61 -8.12 -0.17
C LEU D 163 -17.19 -7.60 0.11
N LEU D 164 -16.59 -8.03 1.21
CA LEU D 164 -15.24 -7.59 1.56
C LEU D 164 -14.18 -7.92 0.49
N SER D 165 -14.38 -9.04 -0.22
CA SER D 165 -13.43 -9.45 -1.25
C SER D 165 -13.44 -8.50 -2.44
N GLU D 166 -14.60 -7.95 -2.74
CA GLU D 166 -14.72 -6.96 -3.81
C GLU D 166 -14.13 -5.63 -3.37
N TYR D 167 -14.34 -5.25 -2.11
CA TYR D 167 -13.73 -4.03 -1.60
C TYR D 167 -12.21 -4.18 -1.60
N ALA D 168 -11.73 -5.34 -1.14
CA ALA D 168 -10.30 -5.60 -1.16
C ALA D 168 -9.74 -5.36 -2.54
N TYR D 169 -10.52 -5.71 -3.56
CA TYR D 169 -10.09 -5.57 -4.96
C TYR D 169 -9.78 -4.11 -5.35
N VAL D 170 -10.67 -3.18 -5.03
CA VAL D 170 -10.51 -1.78 -5.44
C VAL D 170 -9.65 -0.96 -4.47
N LEU D 171 -9.44 -1.49 -3.27
CA LEU D 171 -8.60 -0.85 -2.26
C LEU D 171 -7.15 -1.36 -2.38
N LYS D 172 -6.22 -0.44 -2.61
CA LYS D 172 -4.80 -0.83 -2.72
C LYS D 172 -4.30 -1.52 -1.47
N GLU D 173 -3.18 -2.24 -1.62
CA GLU D 173 -2.47 -2.78 -0.47
C GLU D 173 -1.96 -1.59 0.36
N GLY D 174 -2.28 -1.61 1.64
CA GLY D 174 -1.91 -0.52 2.52
C GLY D 174 -3.01 0.50 2.68
N GLY D 175 -4.03 0.43 1.83
CA GLY D 175 -5.16 1.34 1.93
C GLY D 175 -5.92 1.04 3.20
N VAL D 176 -6.84 1.92 3.58
CA VAL D 176 -7.60 1.65 4.80
C VAL D 176 -9.12 1.81 4.73
N VAL D 177 -9.79 0.99 5.53
CA VAL D 177 -11.22 1.04 5.68
C VAL D 177 -11.51 1.68 7.01
N TYR D 178 -12.30 2.74 6.97
CA TYR D 178 -12.65 3.53 8.14
C TYR D 178 -14.13 3.30 8.48
N THR D 179 -14.38 3.16 9.77
CA THR D 179 -15.67 2.71 10.23
C THR D 179 -16.04 3.49 11.49
N ILE D 180 -17.22 4.11 11.48
CA ILE D 180 -17.76 4.72 12.70
C ILE D 180 -19.29 4.59 12.73
N THR D 181 -19.81 4.16 13.87
CA THR D 181 -21.24 4.04 14.07
C THR D 181 -21.58 4.30 15.54
N ASP D 182 -22.84 4.64 15.79
CA ASP D 182 -23.32 4.78 17.16
C ASP D 182 -24.05 3.52 17.65
N VAL D 183 -24.17 2.53 16.77
CA VAL D 183 -24.83 1.29 17.16
C VAL D 183 -23.83 0.20 17.51
N LYS D 184 -23.74 -0.11 18.80
CA LYS D 184 -22.80 -1.11 19.30
C LYS D 184 -22.89 -2.42 18.50
N ASP D 185 -24.10 -2.91 18.26
CA ASP D 185 -24.28 -4.14 17.52
C ASP D 185 -23.72 -4.03 16.11
N LEU D 186 -24.01 -2.91 15.45
CA LEU D 186 -23.50 -2.66 14.11
C LEU D 186 -21.98 -2.63 14.10
N HIS D 187 -21.40 -2.00 15.12
CA HIS D 187 -19.96 -1.89 15.24
C HIS D 187 -19.31 -3.25 15.40
N GLU D 188 -19.92 -4.10 16.20
CA GLU D 188 -19.38 -5.44 16.40
C GLU D 188 -19.57 -6.33 15.18
N TRP D 189 -20.65 -6.11 14.44
CA TRP D 189 -20.85 -6.81 13.17
C TRP D 189 -19.71 -6.46 12.21
N MET D 190 -19.56 -5.18 11.91
CA MET D 190 -18.49 -4.72 11.04
C MET D 190 -17.14 -5.25 11.48
N VAL D 191 -16.87 -5.18 12.78
CA VAL D 191 -15.58 -5.63 13.29
C VAL D 191 -15.34 -7.11 13.03
N LYS D 192 -16.35 -7.94 13.26
CA LYS D 192 -16.17 -9.39 13.12
C LYS D 192 -15.81 -9.78 11.70
N HIS D 193 -16.51 -9.21 10.73
CA HIS D 193 -16.26 -9.58 9.33
C HIS D 193 -14.95 -9.03 8.78
N LEU D 194 -14.66 -7.77 9.07
CA LEU D 194 -13.36 -7.21 8.73
C LEU D 194 -12.22 -8.03 9.32
N GLU D 195 -12.33 -8.44 10.56
CA GLU D 195 -11.22 -9.12 11.20
C GLU D 195 -11.09 -10.56 10.74
N GLU D 196 -12.21 -11.16 10.32
CA GLU D 196 -12.17 -12.54 9.87
C GLU D 196 -11.71 -12.67 8.41
N HIS D 197 -11.92 -11.63 7.61
CA HIS D 197 -11.45 -11.65 6.23
C HIS D 197 -9.92 -11.62 6.14
N PRO D 198 -9.32 -12.54 5.37
CA PRO D 198 -7.86 -12.66 5.36
C PRO D 198 -7.14 -11.42 4.85
N LEU D 199 -7.87 -10.53 4.18
CA LEU D 199 -7.24 -9.37 3.55
C LEU D 199 -7.37 -8.08 4.36
N PHE D 200 -7.86 -8.21 5.58
CA PHE D 200 -8.02 -7.04 6.44
C PHE D 200 -7.50 -7.29 7.85
N GLU D 201 -6.87 -6.26 8.42
CA GLU D 201 -6.29 -6.31 9.77
C GLU D 201 -6.67 -5.05 10.57
N ARG D 202 -7.17 -5.21 11.78
CA ARG D 202 -7.49 -4.01 12.55
C ARG D 202 -6.27 -3.18 12.95
N LEU D 203 -6.42 -1.86 12.83
CA LEU D 203 -5.42 -0.92 13.30
C LEU D 203 -5.67 -0.64 14.77
N SER D 204 -4.60 -0.34 15.50
CA SER D 204 -4.65 -0.21 16.95
C SER D 204 -5.29 1.11 17.36
N LYS D 205 -5.69 1.19 18.63
CA LYS D 205 -6.19 2.45 19.17
C LYS D 205 -5.15 3.55 19.10
N GLU D 206 -3.88 3.18 19.29
CA GLU D 206 -2.78 4.12 19.18
C GLU D 206 -2.73 4.70 17.76
N TRP D 207 -2.89 3.82 16.77
CA TRP D 207 -2.94 4.26 15.39
C TRP D 207 -4.07 5.27 15.19
N GLU D 208 -5.26 4.95 15.70
CA GLU D 208 -6.44 5.83 15.53
C GLU D 208 -6.27 7.22 16.14
N GLU D 209 -5.66 7.29 17.31
CA GLU D 209 -5.43 8.55 18.00
C GLU D 209 -4.50 9.47 17.23
N ASN D 210 -3.68 8.91 16.36
CA ASN D 210 -2.75 9.72 15.58
C ASN D 210 -3.26 10.08 14.21
N ASP D 211 -4.42 9.53 13.87
CA ASP D 211 -4.88 9.65 12.49
C ASP D 211 -5.92 10.75 12.31
N GLU D 212 -5.66 11.61 11.34
CA GLU D 212 -6.53 12.75 11.02
C GLU D 212 -7.92 12.31 10.57
N CYS D 213 -7.95 11.25 9.77
CA CYS D 213 -9.23 10.77 9.25
C CYS D 213 -10.14 10.33 10.37
N VAL D 214 -9.56 9.74 11.42
CA VAL D 214 -10.37 9.35 12.56
C VAL D 214 -10.95 10.57 13.28
N LYS D 215 -10.14 11.63 13.44
CA LYS D 215 -10.64 12.88 14.04
C LYS D 215 -11.81 13.43 13.24
N ILE D 216 -11.59 13.63 11.95
CA ILE D 216 -12.63 14.12 11.05
C ILE D 216 -13.89 13.26 11.11
N MET D 217 -13.72 11.95 11.23
CA MET D 217 -14.84 11.05 11.39
C MET D 217 -15.59 11.33 12.68
N ARG D 218 -14.84 11.38 13.78
CA ARG D 218 -15.45 11.56 15.09
C ARG D 218 -16.15 12.92 15.20
N ASN D 219 -15.79 13.85 14.32
CA ASN D 219 -16.37 15.21 14.36
C ASN D 219 -17.33 15.55 13.23
N ALA D 220 -17.91 14.54 12.59
CA ALA D 220 -18.89 14.78 11.54
C ALA D 220 -20.31 14.57 12.06
N THR D 221 -21.17 15.56 11.82
CA THR D 221 -22.57 15.53 12.26
C THR D 221 -23.16 14.12 12.34
N ASP D 233 -21.51 9.17 21.44
CA ASP D 233 -21.62 7.72 21.52
C ASP D 233 -21.11 7.17 20.18
N LYS D 234 -19.79 7.07 20.03
CA LYS D 234 -19.21 6.82 18.72
C LYS D 234 -18.18 5.68 18.70
N PHE D 235 -18.57 4.53 18.17
CA PHE D 235 -17.65 3.40 18.06
C PHE D 235 -16.89 3.41 16.74
N VAL D 236 -15.57 3.32 16.84
CA VAL D 236 -14.71 3.41 15.67
C VAL D 236 -13.91 2.13 15.49
N ALA D 237 -13.73 1.74 14.23
CA ALA D 237 -12.79 0.69 13.87
C ALA D 237 -12.18 0.97 12.51
N CYS D 238 -10.89 0.71 12.38
CA CYS D 238 -10.19 0.94 11.14
C CYS D 238 -9.39 -0.28 10.75
N PHE D 239 -9.23 -0.49 9.46
CA PHE D 239 -8.61 -1.71 8.96
C PHE D 239 -7.68 -1.42 7.81
N THR D 240 -6.53 -2.10 7.82
CA THR D 240 -5.58 -2.03 6.71
C THR D 240 -5.92 -3.12 5.73
N ARG D 241 -5.88 -2.76 4.45
CA ARG D 241 -5.98 -3.73 3.40
C ARG D 241 -4.62 -4.41 3.28
N LEU D 242 -4.51 -5.61 3.83
CA LEU D 242 -3.26 -6.37 3.76
C LEU D 242 -2.85 -6.68 2.34
N PRO D 243 -1.53 -6.81 2.11
CA PRO D 243 -0.99 -7.23 0.81
C PRO D 243 -1.51 -8.60 0.46
N THR D 244 -1.77 -8.83 -0.81
CA THR D 244 -2.24 -10.15 -1.22
C THR D 244 -1.07 -11.11 -1.23
N PRO D 245 -1.26 -12.31 -0.64
CA PRO D 245 -0.26 -13.37 -0.73
C PRO D 245 0.02 -13.66 -2.22
N ALA D 246 1.29 -13.70 -2.59
CA ALA D 246 1.69 -13.90 -3.98
C ALA D 246 1.43 -15.32 -4.47
N ILE D 247 0.49 -15.47 -5.41
CA ILE D 247 0.21 -16.78 -6.02
C ILE D 247 0.79 -16.82 -7.43
N LEU D 248 2.12 -16.82 -7.51
CA LEU D 248 2.83 -16.92 -8.78
C LEU D 248 2.95 -18.39 -9.19
P PO4 E . 6.51 -17.72 16.05
O1 PO4 E . 7.27 -17.78 14.74
O2 PO4 E . 6.59 -19.08 16.72
O3 PO4 E . 7.10 -16.65 16.95
O4 PO4 E . 5.07 -17.39 15.79
P PO4 F . -14.23 -3.17 20.36
O1 PO4 F . -15.34 -3.05 19.34
O2 PO4 F . -14.77 -3.72 21.66
O3 PO4 F . -13.25 -4.16 19.78
O4 PO4 F . -13.61 -1.81 20.67
#